data_4QFC
#
_entry.id   4QFC
#
_cell.length_a   44.390
_cell.length_b   60.930
_cell.length_c   258.450
_cell.angle_alpha   90.000
_cell.angle_beta   90.000
_cell.angle_gamma   90.000
#
_symmetry.space_group_name_H-M   'P 21 21 21'
#
loop_
_entity.id
_entity.type
_entity.pdbx_description
1 polymer 'D-amino-acid oxidase'
2 non-polymer 'FLAVIN-ADENINE DINUCLEOTIDE'
3 non-polymer 4-hydroxy-6-[2-(7-hydroxy-2-oxo-4-phenyl-2H-chromen-6-yl)ethyl]pyridazin-3(2H)-one
4 non-polymer 'POTASSIUM ION'
5 water water
#
_entity_poly.entity_id   1
_entity_poly.type   'polypeptide(L)'
_entity_poly.pdbx_seq_one_letter_code
;MRVVVIGAGVIGLSTALCIHERYHSVLQPLDIKVYADRFTPLTTTDVAAGLWQPYLSDPNNPQEADWSQQTFDYLLSHVH
SPNAENLGLFLISGYNLFHEAIPDPSWKDTVLGFRKLTPRELDMFPDYGYGWFHTSLILEGKNYLQWLTERLTERGVKFF
QRKVESFEEVAREGADVIVNCTGVWAGALQRDPLLQPGRGQIMKVDAPWMKHFILTHDPERGIYNSPYIIPGTQTVTLGG
IFQLGNWSELNNIQDHNTIWEGCCRLEPTLKNARIIGERTGFRPVRPQIRLEREQLRTGPSNTEVIHNYGHGGYGLTIHW
GCALEAAKLFGRILEEKKLSRMPPSHL
;
_entity_poly.pdbx_strand_id   A,B
#
# COMPACT_ATOMS: atom_id res chain seq x y z
N MET A 1 9.25 33.39 -30.37
CA MET A 1 8.14 33.52 -29.37
C MET A 1 8.73 33.24 -27.97
N ARG A 2 8.75 34.28 -27.16
CA ARG A 2 9.36 34.23 -25.84
C ARG A 2 8.25 34.11 -24.84
N VAL A 3 8.20 32.94 -24.21
CA VAL A 3 7.23 32.64 -23.16
C VAL A 3 7.87 32.58 -21.76
N VAL A 4 7.21 33.19 -20.78
CA VAL A 4 7.66 33.13 -19.41
C VAL A 4 6.60 32.56 -18.48
N VAL A 5 6.92 31.45 -17.83
CA VAL A 5 5.99 30.85 -16.92
C VAL A 5 6.39 31.27 -15.56
N ILE A 6 5.48 31.90 -14.84
CA ILE A 6 5.74 32.31 -13.48
C ILE A 6 5.10 31.29 -12.59
N GLY A 7 5.94 30.48 -11.93
CA GLY A 7 5.45 29.47 -11.00
C GLY A 7 6.08 28.14 -11.34
N ALA A 8 6.73 27.53 -10.35
CA ALA A 8 7.30 26.19 -10.53
C ALA A 8 6.63 25.11 -9.68
N GLY A 9 5.34 25.26 -9.39
CA GLY A 9 4.55 24.21 -8.69
C GLY A 9 3.88 23.33 -9.72
N VAL A 10 2.98 22.42 -9.32
CA VAL A 10 2.43 21.53 -10.31
C VAL A 10 1.78 22.26 -11.46
N ILE A 11 1.20 23.43 -11.20
CA ILE A 11 0.39 24.08 -12.25
C ILE A 11 1.31 24.72 -13.23
N GLY A 12 2.30 25.44 -12.73
CA GLY A 12 3.26 26.08 -13.63
C GLY A 12 3.99 25.11 -14.50
N LEU A 13 4.57 24.11 -13.89
CA LEU A 13 5.36 23.16 -14.67
C LEU A 13 4.52 22.29 -15.67
N SER A 14 3.33 21.83 -15.25
CA SER A 14 2.52 21.04 -16.17
C SER A 14 2.05 21.91 -17.36
N THR A 15 1.70 23.17 -17.09
CA THR A 15 1.31 24.09 -18.15
C THR A 15 2.44 24.31 -19.14
N ALA A 16 3.64 24.54 -18.62
CA ALA A 16 4.83 24.64 -19.44
C ALA A 16 5.05 23.44 -20.34
N LEU A 17 4.95 22.24 -19.76
CA LEU A 17 5.08 21.02 -20.54
C LEU A 17 4.07 20.91 -21.66
N CYS A 18 2.84 21.26 -21.39
CA CYS A 18 1.80 21.17 -22.43
C CYS A 18 2.00 22.17 -23.54
N ILE A 19 2.53 23.35 -23.22
CA ILE A 19 2.79 24.34 -24.24
C ILE A 19 3.92 23.85 -25.16
N HIS A 20 4.98 23.33 -24.55
CA HIS A 20 6.15 22.95 -25.34
C HIS A 20 5.69 21.86 -26.27
N GLU A 21 5.00 20.90 -25.66
CA GLU A 21 4.54 19.69 -26.34
C GLU A 21 3.66 19.98 -27.55
N ARG A 22 2.74 20.94 -27.41
CA ARG A 22 1.86 21.22 -28.51
C ARG A 22 2.45 22.15 -29.56
N TYR A 23 3.26 23.12 -29.13
CA TYR A 23 3.73 24.19 -30.00
C TYR A 23 5.23 24.34 -30.24
N HIS A 24 6.08 23.49 -29.69
CA HIS A 24 7.52 23.58 -29.99
C HIS A 24 7.87 23.44 -31.49
N SER A 25 7.29 22.44 -32.15
CA SER A 25 7.49 22.29 -33.61
C SER A 25 7.01 23.52 -34.40
N VAL A 26 5.84 24.08 -34.03
CA VAL A 26 5.17 25.20 -34.75
C VAL A 26 5.86 26.58 -34.67
N LEU A 27 6.70 26.81 -33.66
CA LEU A 27 7.38 28.11 -33.51
C LEU A 27 8.88 28.01 -33.67
N GLN A 28 9.45 29.05 -34.26
CA GLN A 28 10.88 29.09 -34.54
C GLN A 28 11.42 30.43 -34.00
N PRO A 29 11.89 30.44 -32.74
CA PRO A 29 11.85 29.35 -31.76
C PRO A 29 10.58 29.42 -30.90
N LEU A 30 10.24 28.31 -30.24
CA LEU A 30 9.53 28.42 -28.97
C LEU A 30 10.53 28.53 -27.79
N ASP A 31 10.73 29.74 -27.27
CA ASP A 31 11.64 29.99 -26.12
C ASP A 31 10.87 30.09 -24.77
N ILE A 32 11.14 29.11 -23.91
CA ILE A 32 10.37 28.96 -22.69
C ILE A 32 11.27 29.01 -21.49
N LYS A 33 10.94 29.93 -20.61
CA LYS A 33 11.61 30.17 -19.34
C LYS A 33 10.60 30.03 -18.20
N VAL A 34 11.04 29.46 -17.08
CA VAL A 34 10.21 29.37 -15.89
C VAL A 34 10.82 30.28 -14.84
N TYR A 35 10.08 31.25 -14.32
CA TYR A 35 10.56 32.04 -13.18
C TYR A 35 9.83 31.60 -11.93
N ALA A 36 10.52 31.58 -10.81
CA ALA A 36 9.84 31.32 -9.55
C ALA A 36 10.73 31.69 -8.40
N ASP A 37 10.11 32.03 -7.28
CA ASP A 37 10.84 32.28 -6.04
C ASP A 37 10.84 31.09 -5.11
N ARG A 38 10.10 30.05 -5.42
CA ARG A 38 10.18 28.81 -4.68
C ARG A 38 10.11 27.62 -5.67
N PHE A 39 11.03 26.69 -5.51
CA PHE A 39 11.13 25.52 -6.34
C PHE A 39 11.06 24.33 -5.43
N THR A 40 10.84 23.16 -6.01
CA THR A 40 10.74 21.99 -5.17
C THR A 40 12.08 21.91 -4.41
N PRO A 41 12.03 21.55 -3.13
CA PRO A 41 10.91 21.09 -2.36
C PRO A 41 10.17 22.12 -1.54
N LEU A 42 10.17 23.39 -1.95
CA LEU A 42 9.62 24.47 -1.14
C LEU A 42 8.27 25.02 -1.65
N THR A 43 7.57 24.32 -2.52
CA THR A 43 6.34 24.80 -3.10
C THR A 43 5.24 24.21 -2.30
N THR A 44 4.02 24.70 -2.50
CA THR A 44 2.81 24.13 -1.86
C THR A 44 2.53 22.69 -2.40
N THR A 45 2.78 22.50 -3.69
CA THR A 45 2.64 21.21 -4.33
C THR A 45 3.47 20.13 -3.59
N ASP A 46 4.62 20.51 -3.04
CA ASP A 46 5.48 19.54 -2.30
C ASP A 46 4.86 19.04 -1.00
N VAL A 47 3.96 19.83 -0.44
CA VAL A 47 3.25 19.48 0.78
C VAL A 47 2.15 18.43 0.51
N ALA A 48 1.61 18.41 -0.70
CA ALA A 48 0.46 17.60 -1.05
C ALA A 48 0.80 16.15 -1.11
N ALA A 49 -0.11 15.32 -0.61
CA ALA A 49 0.08 13.85 -0.67
C ALA A 49 -0.14 13.41 -2.10
N GLY A 50 -1.13 14.01 -2.74
CA GLY A 50 -1.42 13.73 -4.15
C GLY A 50 -2.47 12.66 -4.41
N LEU A 51 -3.37 12.44 -3.46
CA LEU A 51 -4.43 11.45 -3.69
C LEU A 51 -5.44 12.00 -4.69
N TRP A 52 -5.78 11.22 -5.69
CA TRP A 52 -6.78 11.70 -6.64
C TRP A 52 -8.16 11.52 -5.98
N GLN A 53 -8.75 12.64 -5.55
CA GLN A 53 -10.15 12.66 -5.13
C GLN A 53 -10.62 14.10 -5.05
N PRO A 54 -11.56 14.46 -5.92
CA PRO A 54 -12.17 15.77 -5.80
C PRO A 54 -12.84 15.91 -4.43
N TYR A 55 -13.11 17.15 -4.06
CA TYR A 55 -13.87 17.46 -2.82
C TYR A 55 -15.27 16.88 -2.86
N LEU A 56 -15.89 16.75 -1.69
CA LEU A 56 -17.23 16.17 -1.60
C LEU A 56 -18.29 17.05 -2.21
N SER A 57 -18.12 18.36 -2.09
CA SER A 57 -19.15 19.28 -2.63
C SER A 57 -19.02 19.39 -4.16
N ASP A 58 -19.96 18.79 -4.85
CA ASP A 58 -19.98 18.84 -6.29
C ASP A 58 -20.43 20.24 -6.71
N PRO A 59 -19.57 20.95 -7.45
CA PRO A 59 -19.94 22.28 -7.95
C PRO A 59 -20.91 22.21 -9.11
N ASN A 60 -21.31 21.00 -9.51
CA ASN A 60 -22.17 20.81 -10.68
C ASN A 60 -21.56 21.55 -11.87
N ASN A 61 -20.25 21.46 -12.01
CA ASN A 61 -19.52 22.14 -13.09
C ASN A 61 -18.82 21.09 -13.98
N PRO A 62 -19.44 20.77 -15.12
CA PRO A 62 -18.99 19.68 -15.98
C PRO A 62 -17.67 19.98 -16.71
N GLN A 63 -17.35 21.24 -16.95
CA GLN A 63 -15.99 21.54 -17.42
C GLN A 63 -14.97 21.05 -16.40
N GLU A 64 -15.20 21.35 -15.11
CA GLU A 64 -14.23 20.98 -14.08
C GLU A 64 -14.17 19.48 -13.85
N ALA A 65 -15.32 18.83 -13.76
CA ALA A 65 -15.35 17.36 -13.68
C ALA A 65 -14.56 16.75 -14.87
N ASP A 66 -14.76 17.32 -16.05
CA ASP A 66 -14.04 16.84 -17.21
C ASP A 66 -12.49 17.08 -17.08
N TRP A 67 -12.05 18.24 -16.59
CA TRP A 67 -10.62 18.41 -16.28
C TRP A 67 -10.07 17.36 -15.29
N SER A 68 -10.91 17.00 -14.33
CA SER A 68 -10.51 16.02 -13.33
C SER A 68 -10.45 14.62 -13.92
N GLN A 69 -11.51 14.26 -14.63
CA GLN A 69 -11.53 13.04 -15.37
C GLN A 69 -10.28 12.89 -16.26
N GLN A 70 -9.98 13.92 -17.04
CA GLN A 70 -8.81 13.94 -17.95
C GLN A 70 -7.51 13.66 -17.23
N THR A 71 -7.38 14.23 -16.05
CA THR A 71 -6.15 14.11 -15.30
C THR A 71 -6.08 12.65 -14.83
N PHE A 72 -7.19 12.13 -14.34
CA PHE A 72 -7.20 10.78 -13.87
C PHE A 72 -6.88 9.80 -14.96
N ASP A 73 -7.49 9.95 -16.14
CA ASP A 73 -7.22 8.99 -17.22
C ASP A 73 -5.79 9.13 -17.67
N TYR A 74 -5.28 10.36 -17.65
CA TYR A 74 -3.92 10.60 -18.04
C TYR A 74 -2.96 9.80 -17.12
N LEU A 75 -3.21 9.91 -15.81
CA LEU A 75 -2.37 9.29 -14.82
C LEU A 75 -2.45 7.76 -14.87
N LEU A 76 -3.68 7.25 -15.04
CA LEU A 76 -3.93 5.85 -15.12
C LEU A 76 -3.17 5.23 -16.27
N SER A 77 -3.07 5.92 -17.40
CA SER A 77 -2.40 5.38 -18.55
C SER A 77 -0.89 5.27 -18.30
N HIS A 78 -0.36 6.04 -17.34
CA HIS A 78 1.05 5.97 -16.93
C HIS A 78 1.37 4.94 -15.84
N VAL A 79 0.33 4.49 -15.13
CA VAL A 79 0.52 3.81 -13.84
C VAL A 79 1.21 2.45 -13.95
N HIS A 80 1.01 1.76 -15.10
CA HIS A 80 1.70 0.49 -15.40
C HIS A 80 2.74 0.64 -16.50
N SER A 81 3.59 1.66 -16.33
CA SER A 81 4.72 1.86 -17.21
C SER A 81 5.98 1.96 -16.34
N PRO A 82 7.15 1.71 -16.92
CA PRO A 82 8.50 1.95 -16.35
C PRO A 82 8.74 3.34 -15.73
N ASN A 83 8.14 4.37 -16.33
CA ASN A 83 8.18 5.74 -15.80
C ASN A 83 7.69 5.89 -14.34
N ALA A 84 6.70 5.08 -13.93
CA ALA A 84 5.74 5.48 -12.86
C ALA A 84 6.32 5.77 -11.50
N GLU A 85 7.26 4.95 -11.02
CA GLU A 85 8.02 5.29 -9.82
C GLU A 85 8.59 6.71 -9.95
N ASN A 86 9.11 7.08 -11.12
CA ASN A 86 9.70 8.42 -11.31
C ASN A 86 8.73 9.55 -11.24
N LEU A 87 7.46 9.30 -11.57
CA LEU A 87 6.42 10.31 -11.35
C LEU A 87 5.98 10.41 -9.90
N GLY A 88 6.32 9.39 -9.13
CA GLY A 88 5.71 9.16 -7.83
C GLY A 88 4.24 8.76 -7.92
N LEU A 89 3.94 7.92 -8.92
CA LEU A 89 2.59 7.57 -9.33
C LEU A 89 2.31 6.12 -9.06
N PHE A 90 1.27 5.84 -8.28
CA PHE A 90 0.80 4.47 -8.02
C PHE A 90 -0.68 4.37 -7.57
N LEU A 91 -1.19 3.14 -7.63
CA LEU A 91 -2.52 2.83 -7.26
C LEU A 91 -2.64 2.58 -5.78
N ILE A 92 -3.72 3.03 -5.19
CA ILE A 92 -3.91 2.83 -3.76
C ILE A 92 -5.39 2.72 -3.49
N SER A 93 -5.80 1.85 -2.58
CA SER A 93 -7.22 1.73 -2.22
C SER A 93 -7.47 2.21 -0.81
N GLY A 94 -8.74 2.48 -0.46
CA GLY A 94 -9.04 2.95 0.90
C GLY A 94 -10.44 3.48 1.22
N TYR A 95 -10.56 4.12 2.38
CA TYR A 95 -11.80 4.38 3.02
C TYR A 95 -12.13 5.84 3.06
N ASN A 96 -13.39 6.17 2.82
CA ASN A 96 -13.97 7.48 3.15
C ASN A 96 -15.02 7.28 4.22
N LEU A 97 -14.93 7.99 5.33
CA LEU A 97 -15.75 7.68 6.47
C LEU A 97 -16.65 8.84 6.84
N PHE A 98 -17.91 8.51 7.13
CA PHE A 98 -18.94 9.47 7.54
C PHE A 98 -19.67 9.03 8.80
N HIS A 99 -20.20 10.01 9.52
CA HIS A 99 -21.14 9.74 10.61
C HIS A 99 -22.54 9.45 10.01
N GLU A 100 -22.93 10.18 8.96
CA GLU A 100 -24.23 9.95 8.31
C GLU A 100 -24.08 9.38 6.90
N ALA A 101 -25.12 8.69 6.43
CA ALA A 101 -25.23 8.34 5.02
C ALA A 101 -25.21 9.60 4.18
N ILE A 102 -24.53 9.55 3.05
CA ILE A 102 -24.65 10.63 2.07
C ILE A 102 -24.64 10.01 0.68
N PRO A 103 -25.08 10.77 -0.33
CA PRO A 103 -25.17 10.27 -1.72
C PRO A 103 -23.84 9.88 -2.35
N ASP A 104 -23.89 9.05 -3.38
CA ASP A 104 -22.70 8.66 -4.10
C ASP A 104 -22.08 9.87 -4.79
N PRO A 105 -20.74 9.95 -4.80
CA PRO A 105 -20.10 11.07 -5.51
C PRO A 105 -20.18 10.97 -7.04
N SER A 106 -20.10 12.10 -7.71
CA SER A 106 -20.16 12.14 -9.18
C SER A 106 -18.96 11.49 -9.88
N TRP A 107 -17.86 11.29 -9.14
CA TRP A 107 -16.64 10.68 -9.66
C TRP A 107 -16.59 9.15 -9.43
N LYS A 108 -17.72 8.61 -8.97
CA LYS A 108 -17.82 7.22 -8.52
C LYS A 108 -17.43 6.24 -9.59
N ASP A 109 -17.56 6.62 -10.86
CA ASP A 109 -17.11 5.79 -11.98
C ASP A 109 -15.80 6.22 -12.60
N THR A 110 -15.21 7.30 -12.13
CA THR A 110 -13.93 7.66 -12.61
C THR A 110 -12.88 6.78 -11.90
N VAL A 111 -13.11 6.54 -10.61
CA VAL A 111 -12.16 5.80 -9.82
C VAL A 111 -12.49 4.35 -10.11
N LEU A 112 -11.83 3.43 -9.42
CA LEU A 112 -11.97 2.03 -9.71
C LEU A 112 -12.66 1.30 -8.55
N GLY A 113 -13.52 0.34 -8.86
CA GLY A 113 -14.22 -0.46 -7.85
C GLY A 113 -14.87 0.30 -6.72
N PHE A 114 -15.56 1.40 -7.05
CA PHE A 114 -16.26 2.17 -6.03
C PHE A 114 -17.38 1.33 -5.47
N ARG A 115 -17.55 1.40 -4.16
CA ARG A 115 -18.65 0.71 -3.51
C ARG A 115 -18.80 1.27 -2.10
N LYS A 116 -19.94 0.96 -1.47
CA LYS A 116 -20.23 1.34 -0.12
C LYS A 116 -19.49 0.37 0.74
N LEU A 117 -19.21 0.76 1.97
CA LEU A 117 -18.60 -0.14 2.92
C LEU A 117 -19.59 -1.10 3.57
N THR A 118 -19.11 -2.27 3.92
CA THR A 118 -19.90 -3.30 4.53
C THR A 118 -19.91 -3.13 6.04
N PRO A 119 -20.88 -3.75 6.74
CA PRO A 119 -20.91 -3.71 8.19
C PRO A 119 -19.59 -4.07 8.88
N ARG A 120 -18.99 -5.17 8.50
CA ARG A 120 -17.75 -5.65 9.12
C ARG A 120 -16.55 -4.71 8.88
N GLU A 121 -16.55 -4.00 7.76
CA GLU A 121 -15.53 -2.97 7.52
C GLU A 121 -15.79 -1.78 8.43
N LEU A 122 -17.04 -1.36 8.53
CA LEU A 122 -17.42 -0.26 9.44
C LEU A 122 -17.13 -0.61 10.90
N ASP A 123 -17.14 -1.90 11.24
CA ASP A 123 -16.78 -2.29 12.62
C ASP A 123 -15.35 -1.94 12.98
N MET A 124 -14.50 -1.77 11.97
CA MET A 124 -13.13 -1.39 12.22
C MET A 124 -12.99 0.06 12.59
N PHE A 125 -14.04 0.85 12.43
CA PHE A 125 -13.99 2.27 12.74
C PHE A 125 -15.15 2.70 13.67
N PRO A 126 -15.02 2.45 14.97
CA PRO A 126 -16.15 2.63 15.92
C PRO A 126 -16.80 4.01 15.89
N ASP A 127 -16.04 5.06 15.59
CA ASP A 127 -16.59 6.43 15.52
C ASP A 127 -17.32 6.80 14.23
N TYR A 128 -17.48 5.88 13.28
CA TYR A 128 -18.12 6.19 12.00
C TYR A 128 -19.08 5.08 11.63
N GLY A 129 -20.24 5.43 11.06
CA GLY A 129 -21.27 4.45 10.70
C GLY A 129 -21.66 4.35 9.22
N TYR A 130 -20.96 5.08 8.36
CA TYR A 130 -21.19 4.97 6.92
C TYR A 130 -19.92 5.23 6.11
N GLY A 131 -19.84 4.68 4.90
CA GLY A 131 -18.65 4.92 4.10
C GLY A 131 -18.48 4.29 2.74
N TRP A 132 -17.35 4.64 2.12
CA TRP A 132 -16.98 4.20 0.79
C TRP A 132 -15.65 3.46 0.79
N PHE A 133 -15.49 2.61 -0.21
CA PHE A 133 -14.25 1.99 -0.49
C PHE A 133 -14.01 2.09 -1.98
N HIS A 134 -12.83 2.55 -2.41
CA HIS A 134 -12.47 2.48 -3.82
C HIS A 134 -10.96 2.47 -4.01
N THR A 135 -10.58 2.33 -5.28
CA THR A 135 -9.21 2.34 -5.69
C THR A 135 -9.00 3.55 -6.58
N SER A 136 -7.97 4.32 -6.27
CA SER A 136 -7.71 5.53 -6.96
C SER A 136 -6.23 5.55 -7.11
N LEU A 137 -5.66 6.74 -7.18
CA LEU A 137 -4.24 6.84 -7.34
C LEU A 137 -3.65 8.02 -6.64
N ILE A 138 -2.35 7.90 -6.38
CA ILE A 138 -1.61 8.92 -5.74
C ILE A 138 -0.55 9.38 -6.72
N LEU A 139 -0.31 10.70 -6.71
CA LEU A 139 0.71 11.29 -7.53
C LEU A 139 1.40 12.18 -6.56
N GLU A 140 2.53 11.72 -6.04
CA GLU A 140 3.23 12.41 -4.98
C GLU A 140 3.85 13.70 -5.50
N GLY A 141 3.42 14.78 -4.89
CA GLY A 141 3.72 16.10 -5.36
C GLY A 141 5.19 16.34 -5.56
N LYS A 142 6.04 16.08 -4.56
CA LYS A 142 7.48 16.31 -4.74
C LYS A 142 7.97 15.56 -5.98
N ASN A 143 7.63 14.30 -6.13
CA ASN A 143 8.22 13.49 -7.21
C ASN A 143 7.80 13.92 -8.56
N TYR A 144 6.56 14.37 -8.64
CA TYR A 144 6.02 14.74 -9.90
C TYR A 144 6.68 15.96 -10.42
N LEU A 145 6.88 16.93 -9.57
CA LEU A 145 7.65 18.12 -9.90
C LEU A 145 9.07 17.79 -10.37
N GLN A 146 9.69 16.81 -9.72
CA GLN A 146 11.02 16.41 -10.11
C GLN A 146 10.96 15.84 -11.52
N TRP A 147 9.98 14.97 -11.75
CA TRP A 147 9.81 14.40 -13.06
C TRP A 147 9.47 15.43 -14.12
N LEU A 148 8.59 16.34 -13.79
CA LEU A 148 8.24 17.40 -14.74
C LEU A 148 9.46 18.21 -15.03
N THR A 149 10.30 18.46 -14.00
CA THR A 149 11.48 19.30 -14.17
C THR A 149 12.49 18.70 -15.16
N GLU A 150 12.73 17.39 -15.02
CA GLU A 150 13.58 16.63 -15.95
C GLU A 150 13.09 16.69 -17.36
N ARG A 151 11.80 16.43 -17.55
CA ARG A 151 11.25 16.49 -18.89
C ARG A 151 11.47 17.89 -19.45
N LEU A 152 11.25 18.92 -18.64
CA LEU A 152 11.38 20.28 -19.14
C LEU A 152 12.86 20.59 -19.46
N THR A 153 13.76 20.08 -18.61
CA THR A 153 15.17 20.28 -18.82
C THR A 153 15.67 19.62 -20.12
N GLU A 154 15.21 18.41 -20.40
CA GLU A 154 15.57 17.75 -21.65
C GLU A 154 15.12 18.55 -22.85
N ARG A 155 14.05 19.31 -22.67
CA ARG A 155 13.46 20.05 -23.78
C ARG A 155 13.96 21.45 -23.89
N GLY A 156 15.02 21.80 -23.17
CA GLY A 156 15.62 23.11 -23.28
C GLY A 156 14.88 24.23 -22.52
N VAL A 157 13.96 23.89 -21.61
CA VAL A 157 13.40 24.89 -20.73
C VAL A 157 14.42 25.30 -19.63
N LYS A 158 14.61 26.61 -19.48
CA LYS A 158 15.54 27.16 -18.49
C LYS A 158 14.79 27.63 -17.24
N PHE A 159 15.39 27.49 -16.08
CA PHE A 159 14.77 27.83 -14.81
C PHE A 159 15.52 28.96 -14.16
N PHE A 160 14.83 29.96 -13.63
CA PHE A 160 15.47 31.11 -12.93
C PHE A 160 14.78 31.45 -11.65
N GLN A 161 15.57 31.69 -10.62
CA GLN A 161 15.04 32.13 -9.37
C GLN A 161 14.80 33.60 -9.53
N ARG A 162 13.52 33.96 -9.38
CA ARG A 162 13.12 35.34 -9.41
C ARG A 162 11.81 35.57 -8.71
N LYS A 163 11.76 36.55 -7.82
CA LYS A 163 10.49 36.98 -7.31
C LYS A 163 10.00 38.10 -8.17
N VAL A 164 9.01 37.80 -9.02
CA VAL A 164 8.48 38.81 -9.92
C VAL A 164 7.64 39.83 -9.15
N GLU A 165 7.87 41.11 -9.38
CA GLU A 165 7.10 42.18 -8.69
C GLU A 165 5.86 42.57 -9.47
N SER A 166 5.91 42.46 -10.80
CA SER A 166 4.76 42.84 -11.64
C SER A 166 4.83 42.16 -12.98
N PHE A 167 3.71 42.09 -13.68
CA PHE A 167 3.72 41.53 -15.02
C PHE A 167 4.50 42.40 -15.99
N GLU A 168 4.41 43.71 -15.79
CA GLU A 168 5.09 44.70 -16.64
C GLU A 168 6.64 44.54 -16.64
N GLU A 169 7.20 44.38 -15.46
CA GLU A 169 8.61 44.01 -15.30
C GLU A 169 8.99 42.90 -16.27
N VAL A 170 8.22 41.82 -16.30
CA VAL A 170 8.51 40.69 -17.18
C VAL A 170 8.23 41.06 -18.65
N ALA A 171 7.17 41.84 -18.87
CA ALA A 171 6.78 42.27 -20.20
C ALA A 171 7.83 43.17 -20.81
N ARG A 172 8.33 44.10 -20.00
CA ARG A 172 9.34 45.03 -20.47
C ARG A 172 10.67 44.34 -20.85
N GLU A 173 10.92 43.12 -20.36
CA GLU A 173 12.12 42.36 -20.77
C GLU A 173 11.94 41.59 -22.08
N GLY A 174 10.78 41.69 -22.72
CA GLY A 174 10.57 41.01 -24.00
C GLY A 174 9.66 39.77 -24.02
N ALA A 175 9.00 39.46 -22.91
CA ALA A 175 8.06 38.34 -22.90
C ALA A 175 6.90 38.62 -23.82
N ASP A 176 6.64 37.68 -24.70
CA ASP A 176 5.49 37.76 -25.57
C ASP A 176 4.27 37.25 -24.83
N VAL A 177 4.46 36.20 -24.02
CA VAL A 177 3.35 35.63 -23.25
C VAL A 177 3.80 35.27 -21.83
N ILE A 178 3.02 35.70 -20.85
CA ILE A 178 3.25 35.36 -19.46
C ILE A 178 2.17 34.38 -18.98
N VAL A 179 2.62 33.28 -18.43
CA VAL A 179 1.72 32.29 -17.89
C VAL A 179 1.80 32.45 -16.36
N ASN A 180 0.71 32.91 -15.76
CA ASN A 180 0.65 33.22 -14.35
C ASN A 180 0.13 32.03 -13.51
N CYS A 181 1.06 31.20 -12.99
CA CYS A 181 0.77 30.00 -12.17
C CYS A 181 1.39 30.13 -10.79
N THR A 182 1.03 31.24 -10.13
CA THR A 182 1.61 31.71 -8.90
C THR A 182 0.78 31.28 -7.67
N GLY A 183 -0.20 30.41 -7.87
CA GLY A 183 -0.80 29.74 -6.73
C GLY A 183 -1.44 30.74 -5.81
N VAL A 184 -1.34 30.51 -4.50
CA VAL A 184 -2.04 31.34 -3.51
C VAL A 184 -1.54 32.80 -3.45
N TRP A 185 -0.37 33.05 -4.06
CA TRP A 185 0.28 34.39 -3.99
C TRP A 185 0.00 35.27 -5.17
N ALA A 186 -0.92 34.82 -6.04
CA ALA A 186 -1.29 35.52 -7.28
C ALA A 186 -1.78 36.92 -7.05
N GLY A 187 -2.42 37.12 -5.91
CA GLY A 187 -2.86 38.43 -5.50
C GLY A 187 -1.80 39.50 -5.43
N ALA A 188 -0.55 39.15 -5.16
CA ALA A 188 0.50 40.16 -5.13
C ALA A 188 0.74 40.79 -6.52
N LEU A 189 0.40 40.06 -7.57
CA LEU A 189 0.68 40.52 -8.91
C LEU A 189 -0.52 41.22 -9.57
N GLN A 190 -1.73 40.88 -9.13
CA GLN A 190 -2.95 41.55 -9.53
C GLN A 190 -4.04 41.27 -8.49
N ARG A 191 -4.57 42.35 -7.94
CA ARG A 191 -5.57 42.34 -6.88
C ARG A 191 -6.62 41.24 -7.15
N ASP A 192 -6.78 40.33 -6.20
CA ASP A 192 -7.79 39.29 -6.33
C ASP A 192 -8.19 38.73 -4.96
N PRO A 193 -9.16 39.39 -4.32
CA PRO A 193 -9.63 39.06 -2.99
C PRO A 193 -10.44 37.80 -2.92
N LEU A 194 -10.87 37.24 -4.04
CA LEU A 194 -11.49 35.92 -4.00
C LEU A 194 -10.47 34.81 -3.69
N LEU A 195 -9.18 35.08 -3.93
CA LEU A 195 -8.13 34.12 -3.62
C LEU A 195 -7.67 34.26 -2.17
N GLN A 196 -7.78 33.17 -1.43
N GLN A 196 -7.79 33.21 -1.38
CA GLN A 196 -7.41 33.07 -0.01
CA GLN A 196 -7.31 33.26 0.01
C GLN A 196 -6.51 31.88 0.24
C GLN A 196 -6.64 31.91 0.37
N PRO A 197 -5.68 31.95 1.27
CA PRO A 197 -4.97 30.76 1.70
C PRO A 197 -5.84 29.82 2.47
N GLY A 198 -5.85 28.56 2.12
CA GLY A 198 -6.51 27.54 2.93
C GLY A 198 -5.39 26.79 3.67
N ARG A 199 -5.03 27.30 4.86
CA ARG A 199 -3.81 26.89 5.47
C ARG A 199 -3.97 25.42 5.83
N GLY A 200 -2.91 24.66 5.58
CA GLY A 200 -2.84 23.29 6.02
C GLY A 200 -1.52 22.94 6.69
N GLN A 201 -1.59 21.91 7.51
CA GLN A 201 -0.46 21.38 8.20
C GLN A 201 -0.59 19.88 8.07
N ILE A 202 0.54 19.18 7.98
CA ILE A 202 0.58 17.73 7.89
C ILE A 202 1.77 17.22 8.67
N MET A 203 1.79 15.94 8.96
CA MET A 203 3.03 15.31 9.32
C MET A 203 3.20 14.05 8.51
N LYS A 204 4.47 13.72 8.31
CA LYS A 204 4.87 12.58 7.55
C LYS A 204 5.47 11.66 8.61
N VAL A 205 4.96 10.43 8.69
CA VAL A 205 5.51 9.42 9.57
C VAL A 205 5.98 8.15 8.87
N ASP A 206 6.83 7.39 9.57
CA ASP A 206 7.35 6.13 9.06
C ASP A 206 6.38 5.06 9.53
N ALA A 207 5.51 4.61 8.66
CA ALA A 207 4.53 3.59 9.01
C ALA A 207 4.20 2.74 7.76
N PRO A 208 5.20 1.98 7.31
CA PRO A 208 5.19 1.33 6.01
C PRO A 208 4.25 0.13 5.96
N TRP A 209 3.76 -0.32 7.11
CA TRP A 209 2.63 -1.24 7.15
C TRP A 209 1.23 -0.66 6.76
N MET A 210 1.08 0.65 6.67
CA MET A 210 -0.22 1.26 6.28
C MET A 210 -0.35 1.16 4.77
N LYS A 211 -1.32 0.38 4.28
CA LYS A 211 -1.44 0.18 2.81
C LYS A 211 -2.64 0.87 2.17
N HIS A 212 -3.49 1.48 3.02
CA HIS A 212 -4.71 2.12 2.56
C HIS A 212 -4.70 3.58 3.02
N PHE A 213 -5.31 4.42 2.19
CA PHE A 213 -5.72 5.73 2.69
C PHE A 213 -6.98 5.61 3.55
N ILE A 214 -7.12 6.57 4.47
CA ILE A 214 -8.34 6.75 5.24
C ILE A 214 -8.68 8.25 5.32
N LEU A 215 -9.82 8.63 4.79
CA LEU A 215 -10.29 9.99 4.82
C LEU A 215 -11.55 10.06 5.68
N THR A 216 -11.64 11.03 6.61
CA THR A 216 -12.86 11.25 7.42
C THR A 216 -13.55 12.57 7.02
N HIS A 217 -14.84 12.69 7.33
CA HIS A 217 -15.57 13.92 7.01
C HIS A 217 -16.50 14.25 8.12
N ASP A 218 -16.45 15.49 8.60
CA ASP A 218 -17.49 16.04 9.47
C ASP A 218 -18.32 17.02 8.65
N ILE A 223 -15.93 21.97 8.78
CA ILE A 223 -16.15 21.61 7.37
C ILE A 223 -14.99 20.78 6.77
N TYR A 224 -13.73 21.07 7.09
CA TYR A 224 -12.59 20.23 6.63
C TYR A 224 -11.54 20.01 7.69
N ASN A 225 -11.95 19.87 8.93
CA ASN A 225 -10.97 19.54 9.93
C ASN A 225 -11.41 18.24 10.51
N SER A 226 -10.77 17.21 10.01
CA SER A 226 -11.11 15.84 10.29
C SER A 226 -9.95 15.04 9.77
N PRO A 227 -9.47 14.06 10.53
CA PRO A 227 -8.23 13.38 10.21
C PRO A 227 -8.24 12.60 8.89
N TYR A 228 -7.06 12.56 8.27
CA TYR A 228 -6.83 11.68 7.16
C TYR A 228 -5.44 11.10 7.25
N ILE A 229 -5.33 9.91 6.67
CA ILE A 229 -4.11 9.13 6.67
C ILE A 229 -3.94 8.68 5.24
N ILE A 230 -2.80 9.03 4.65
CA ILE A 230 -2.59 8.78 3.24
C ILE A 230 -1.15 8.32 3.03
N PRO A 231 -0.94 6.99 2.87
CA PRO A 231 0.37 6.44 2.58
C PRO A 231 0.90 6.96 1.27
N GLY A 232 2.19 7.29 1.26
CA GLY A 232 2.91 7.56 0.05
C GLY A 232 3.94 6.46 -0.22
N THR A 233 4.86 6.76 -1.10
CA THR A 233 5.89 5.82 -1.50
C THR A 233 6.71 5.33 -0.33
N GLN A 234 7.19 6.30 0.47
CA GLN A 234 8.15 6.13 1.54
C GLN A 234 7.57 6.45 2.92
N THR A 235 6.68 7.44 3.03
CA THR A 235 6.13 7.83 4.33
C THR A 235 4.63 7.96 4.27
N VAL A 236 4.04 8.16 5.42
CA VAL A 236 2.62 8.30 5.49
C VAL A 236 2.31 9.71 5.88
N THR A 237 1.41 10.33 5.12
CA THR A 237 0.92 11.65 5.44
C THR A 237 -0.28 11.58 6.39
N LEU A 238 -0.13 12.31 7.50
CA LEU A 238 -1.20 12.58 8.45
C LEU A 238 -1.57 14.05 8.34
N GLY A 239 -2.88 14.32 8.42
CA GLY A 239 -3.38 15.65 8.36
C GLY A 239 -4.84 15.75 8.75
N GLY A 240 -5.45 16.84 8.29
CA GLY A 240 -6.83 17.16 8.56
C GLY A 240 -6.98 18.55 9.12
N ILE A 241 -6.29 19.51 8.53
CA ILE A 241 -6.32 20.88 8.96
C ILE A 241 -6.63 21.82 7.81
N PHE A 242 -7.61 22.69 8.02
CA PHE A 242 -8.00 23.63 6.97
C PHE A 242 -8.54 24.96 7.54
N GLN A 243 -7.72 26.00 7.48
CA GLN A 243 -7.99 27.30 8.12
C GLN A 243 -7.93 28.42 7.09
N LEU A 244 -9.09 28.79 6.59
CA LEU A 244 -9.24 29.84 5.59
C LEU A 244 -8.81 31.19 6.11
N GLY A 245 -7.93 31.88 5.41
CA GLY A 245 -7.54 33.23 5.85
C GLY A 245 -6.24 33.31 6.68
N ASN A 246 -5.72 32.16 7.07
CA ASN A 246 -4.58 32.13 7.97
C ASN A 246 -3.31 32.02 7.13
N TRP A 247 -2.43 32.99 7.30
CA TRP A 247 -1.22 33.08 6.50
C TRP A 247 0.01 32.65 7.27
N SER A 248 -0.17 32.08 8.44
CA SER A 248 1.03 31.64 9.18
C SER A 248 1.75 30.48 8.47
N GLU A 249 3.07 30.63 8.31
CA GLU A 249 3.93 29.59 7.77
C GLU A 249 4.43 28.64 8.84
N LEU A 250 4.24 28.94 10.11
CA LEU A 250 4.84 28.09 11.14
C LEU A 250 4.00 26.87 11.43
N ASN A 251 4.69 25.79 11.75
CA ASN A 251 4.04 24.65 12.30
C ASN A 251 3.51 25.05 13.66
N ASN A 252 2.24 24.75 13.88
CA ASN A 252 1.51 25.12 15.05
C ASN A 252 1.31 23.90 15.93
N ILE A 253 1.50 24.07 17.22
CA ILE A 253 1.56 22.92 18.16
C ILE A 253 0.13 22.36 18.46
N GLN A 254 -0.87 23.23 18.51
CA GLN A 254 -2.24 22.78 18.63
C GLN A 254 -2.60 21.88 17.46
N ASP A 255 -2.20 22.31 16.26
CA ASP A 255 -2.60 21.63 15.04
C ASP A 255 -1.89 20.30 14.96
N HIS A 256 -0.62 20.32 15.32
CA HIS A 256 0.17 19.10 15.50
C HIS A 256 -0.60 18.14 16.41
N ASN A 257 -1.00 18.62 17.58
CA ASN A 257 -1.77 17.77 18.51
C ASN A 257 -3.05 17.28 17.92
N THR A 258 -3.71 18.12 17.15
CA THR A 258 -4.97 17.76 16.54
C THR A 258 -4.82 16.65 15.48
N ILE A 259 -3.82 16.78 14.62
CA ILE A 259 -3.54 15.74 13.62
C ILE A 259 -3.15 14.44 14.30
N TRP A 260 -2.17 14.49 15.19
CA TRP A 260 -1.71 13.27 15.86
C TRP A 260 -2.84 12.57 16.68
N GLU A 261 -3.52 13.30 17.56
CA GLU A 261 -4.63 12.70 18.32
C GLU A 261 -5.70 12.12 17.39
N GLY A 262 -6.19 12.94 16.48
CA GLY A 262 -7.21 12.49 15.55
C GLY A 262 -6.80 11.25 14.77
N CYS A 263 -5.55 11.22 14.28
CA CYS A 263 -5.10 10.08 13.47
C CYS A 263 -4.87 8.85 14.29
N CYS A 264 -4.37 9.01 15.52
CA CYS A 264 -4.15 7.88 16.41
C CYS A 264 -5.48 7.26 16.85
N ARG A 265 -6.48 8.07 17.10
CA ARG A 265 -7.83 7.52 17.43
C ARG A 265 -8.32 6.70 16.26
N LEU A 266 -8.02 7.16 15.06
CA LEU A 266 -8.46 6.47 13.87
C LEU A 266 -7.70 5.17 13.64
N GLU A 267 -6.39 5.23 13.86
CA GLU A 267 -5.50 4.12 13.58
C GLU A 267 -4.42 4.04 14.65
N PRO A 268 -4.72 3.34 15.76
CA PRO A 268 -3.84 3.34 16.95
C PRO A 268 -2.46 2.75 16.75
N THR A 269 -2.23 2.05 15.64
CA THR A 269 -0.91 1.56 15.34
C THR A 269 0.01 2.74 15.08
N LEU A 270 -0.53 3.87 14.65
CA LEU A 270 0.30 5.08 14.45
C LEU A 270 1.00 5.58 15.70
N LYS A 271 0.49 5.22 16.88
CA LYS A 271 1.11 5.65 18.13
C LYS A 271 2.60 5.40 18.20
N ASN A 272 3.06 4.33 17.57
CA ASN A 272 4.47 4.01 17.58
C ASN A 272 5.24 4.41 16.30
N ALA A 273 4.56 5.08 15.37
CA ALA A 273 5.22 5.53 14.15
C ALA A 273 6.13 6.71 14.45
N ARG A 274 7.33 6.67 13.90
CA ARG A 274 8.27 7.74 14.09
C ARG A 274 7.88 8.90 13.19
N ILE A 275 7.86 10.09 13.76
CA ILE A 275 7.62 11.32 13.02
C ILE A 275 8.89 11.74 12.26
N ILE A 276 8.79 11.80 10.93
CA ILE A 276 9.90 12.11 10.05
C ILE A 276 9.92 13.59 9.74
N GLY A 277 8.76 14.18 9.44
CA GLY A 277 8.71 15.54 8.97
C GLY A 277 7.40 16.19 9.30
N GLU A 278 7.37 17.51 9.18
CA GLU A 278 6.12 18.22 9.46
C GLU A 278 6.12 19.49 8.62
N ARG A 279 5.02 19.78 7.95
CA ARG A 279 5.02 20.92 7.06
C ARG A 279 3.69 21.70 7.10
N THR A 280 3.80 22.97 6.74
CA THR A 280 2.69 23.89 6.64
C THR A 280 2.55 24.42 5.23
N GLY A 281 1.34 24.45 4.68
CA GLY A 281 1.14 25.03 3.35
C GLY A 281 -0.18 25.78 3.22
N PHE A 282 -0.30 26.49 2.10
CA PHE A 282 -1.47 27.31 1.85
C PHE A 282 -2.16 26.90 0.55
N ARG A 283 -3.31 26.25 0.70
CA ARG A 283 -4.07 25.88 -0.43
C ARG A 283 -4.52 27.16 -1.12
N PRO A 284 -4.43 27.20 -2.44
CA PRO A 284 -4.84 28.37 -3.19
C PRO A 284 -6.36 28.38 -3.47
N VAL A 285 -7.13 28.71 -2.43
CA VAL A 285 -8.58 28.64 -2.45
C VAL A 285 -9.16 29.84 -3.15
N ARG A 286 -9.98 29.52 -4.16
CA ARG A 286 -10.78 30.45 -4.88
C ARG A 286 -12.10 29.74 -5.21
N PRO A 287 -13.24 30.44 -5.18
CA PRO A 287 -14.49 29.71 -5.42
C PRO A 287 -14.48 29.05 -6.80
N GLN A 288 -13.78 29.64 -7.75
CA GLN A 288 -13.38 28.90 -8.92
C GLN A 288 -11.98 29.29 -9.40
N ILE A 289 -11.37 28.37 -10.12
CA ILE A 289 -10.12 28.59 -10.75
C ILE A 289 -10.12 29.78 -11.70
N ARG A 290 -9.04 30.55 -11.68
CA ARG A 290 -8.84 31.53 -12.65
C ARG A 290 -8.00 30.91 -13.76
N LEU A 291 -8.61 30.79 -14.92
CA LEU A 291 -7.94 30.25 -16.07
C LEU A 291 -8.49 30.99 -17.26
N GLU A 292 -7.76 32.01 -17.70
CA GLU A 292 -8.14 32.81 -18.84
C GLU A 292 -7.00 33.64 -19.39
N ARG A 293 -7.24 34.20 -20.59
CA ARG A 293 -6.36 35.17 -21.23
C ARG A 293 -6.69 36.54 -20.74
N GLU A 294 -5.69 37.40 -20.77
CA GLU A 294 -5.88 38.77 -20.43
C GLU A 294 -4.73 39.53 -21.06
N GLN A 295 -5.06 40.51 -21.89
CA GLN A 295 -4.02 41.28 -22.54
C GLN A 295 -3.60 42.45 -21.64
N LEU A 296 -2.31 42.76 -21.68
CA LEU A 296 -1.75 43.94 -21.05
C LEU A 296 -1.44 45.03 -22.06
N ARG A 297 -1.20 46.21 -21.51
CA ARG A 297 -0.80 47.37 -22.33
C ARG A 297 0.73 47.59 -22.19
N THR A 298 1.47 47.24 -23.23
CA THR A 298 2.94 47.28 -23.22
C THR A 298 3.43 47.48 -24.66
N ASN A 302 3.40 44.25 -27.39
CA ASN A 302 2.23 43.35 -27.30
C ASN A 302 2.52 42.16 -26.34
N THR A 303 1.75 42.06 -25.25
CA THR A 303 1.94 41.00 -24.23
C THR A 303 0.67 40.49 -23.51
N GLU A 304 0.40 39.22 -23.71
CA GLU A 304 -0.69 38.50 -23.05
C GLU A 304 -0.31 37.75 -21.78
N VAL A 305 -1.27 37.68 -20.87
CA VAL A 305 -1.18 36.82 -19.73
C VAL A 305 -2.22 35.72 -19.84
N ILE A 306 -1.82 34.51 -19.50
CA ILE A 306 -2.74 33.39 -19.25
C ILE A 306 -2.70 33.06 -17.75
N HIS A 307 -3.79 33.28 -17.04
CA HIS A 307 -3.89 32.95 -15.63
C HIS A 307 -4.26 31.52 -15.55
N ASN A 308 -3.58 30.80 -14.64
CA ASN A 308 -3.91 29.46 -14.27
C ASN A 308 -3.58 29.30 -12.81
N TYR A 309 -4.52 29.65 -11.96
CA TYR A 309 -4.30 29.64 -10.53
C TYR A 309 -5.62 29.56 -9.75
N GLY A 310 -5.52 29.14 -8.50
CA GLY A 310 -6.65 29.10 -7.61
C GLY A 310 -7.31 27.74 -7.54
N HIS A 311 -6.51 26.69 -7.41
CA HIS A 311 -7.01 25.31 -7.50
C HIS A 311 -7.24 24.67 -6.15
N GLY A 312 -7.19 25.47 -5.12
CA GLY A 312 -7.50 25.05 -3.78
C GLY A 312 -6.85 23.76 -3.36
N GLY A 313 -7.70 22.85 -2.89
CA GLY A 313 -7.21 21.59 -2.33
C GLY A 313 -7.22 20.46 -3.32
N TYR A 314 -7.20 20.76 -4.62
CA TYR A 314 -7.36 19.75 -5.64
C TYR A 314 -6.49 20.01 -6.87
N GLY A 315 -5.33 20.64 -6.67
CA GLY A 315 -4.45 21.01 -7.75
C GLY A 315 -3.84 19.81 -8.48
N LEU A 316 -3.52 18.76 -7.73
CA LEU A 316 -3.00 17.57 -8.37
C LEU A 316 -4.11 16.86 -9.08
N THR A 317 -5.25 16.80 -8.45
CA THR A 317 -6.40 16.08 -8.96
C THR A 317 -6.84 16.58 -10.35
N ILE A 318 -6.70 17.89 -10.58
CA ILE A 318 -7.26 18.55 -11.77
C ILE A 318 -6.22 19.14 -12.72
N HIS A 319 -4.95 19.07 -12.36
CA HIS A 319 -3.94 19.88 -13.03
C HIS A 319 -3.85 19.67 -14.50
N TRP A 320 -4.03 18.43 -14.97
CA TRP A 320 -3.66 18.11 -16.36
C TRP A 320 -4.70 18.68 -17.33
N GLY A 321 -5.95 18.61 -16.93
CA GLY A 321 -7.03 19.24 -17.70
C GLY A 321 -6.81 20.73 -17.81
N CYS A 322 -6.32 21.31 -16.73
CA CYS A 322 -6.09 22.77 -16.69
C CYS A 322 -4.90 23.11 -17.56
N ALA A 323 -3.86 22.29 -17.50
CA ALA A 323 -2.70 22.49 -18.35
C ALA A 323 -3.05 22.43 -19.84
N LEU A 324 -3.91 21.49 -20.23
CA LEU A 324 -4.29 21.36 -21.67
C LEU A 324 -5.11 22.57 -22.06
N GLU A 325 -6.00 23.01 -21.17
CA GLU A 325 -6.81 24.20 -21.43
C GLU A 325 -5.92 25.43 -21.61
N ALA A 326 -4.96 25.60 -20.71
CA ALA A 326 -4.07 26.73 -20.80
C ALA A 326 -3.32 26.70 -22.11
N ALA A 327 -2.98 25.50 -22.57
CA ALA A 327 -2.25 25.36 -23.85
C ALA A 327 -3.15 25.72 -25.02
N LYS A 328 -4.43 25.39 -24.92
CA LYS A 328 -5.38 25.78 -25.95
C LYS A 328 -5.45 27.32 -25.98
N LEU A 329 -5.44 27.98 -24.81
CA LEU A 329 -5.51 29.43 -24.82
C LEU A 329 -4.26 29.96 -25.50
N PHE A 330 -3.11 29.42 -25.11
CA PHE A 330 -1.86 29.74 -25.76
C PHE A 330 -2.00 29.56 -27.29
N GLY A 331 -2.61 28.47 -27.71
CA GLY A 331 -2.82 28.23 -29.15
C GLY A 331 -3.67 29.29 -29.80
N ARG A 332 -4.72 29.74 -29.12
CA ARG A 332 -5.61 30.77 -29.66
C ARG A 332 -4.86 32.11 -29.74
N ILE A 333 -3.82 32.28 -28.93
CA ILE A 333 -3.00 33.48 -29.04
C ILE A 333 -2.19 33.44 -30.34
N LEU A 334 -1.65 32.27 -30.68
CA LEU A 334 -0.90 32.08 -31.94
C LEU A 334 -1.73 32.36 -33.21
N GLU A 335 -2.93 31.79 -33.26
CA GLU A 335 -3.87 32.05 -34.35
C GLU A 335 -4.05 33.57 -34.57
N GLU A 336 -4.27 34.30 -33.48
CA GLU A 336 -4.45 35.73 -33.53
C GLU A 336 -3.15 36.40 -33.96
N LYS A 337 -2.12 36.35 -33.11
CA LYS A 337 -0.83 37.02 -33.39
C LYS A 337 0.00 36.27 -34.43
N MET B 1 4.80 -31.71 34.86
CA MET B 1 4.34 -32.13 33.49
C MET B 1 5.32 -31.56 32.48
N ARG B 2 5.90 -32.42 31.64
CA ARG B 2 6.97 -31.98 30.77
C ARG B 2 6.72 -32.23 29.30
N VAL B 3 6.84 -31.14 28.55
CA VAL B 3 6.46 -31.07 27.16
C VAL B 3 7.66 -30.62 26.37
N VAL B 4 7.88 -31.27 25.24
CA VAL B 4 8.91 -30.86 24.35
C VAL B 4 8.24 -30.65 23.02
N VAL B 5 8.41 -29.45 22.47
CA VAL B 5 7.90 -29.14 21.16
C VAL B 5 9.10 -29.28 20.26
N ILE B 6 8.89 -29.98 19.16
CA ILE B 6 9.95 -30.12 18.18
C ILE B 6 9.56 -29.24 17.00
N GLY B 7 10.38 -28.25 16.72
CA GLY B 7 10.14 -27.35 15.63
C GLY B 7 9.89 -25.94 16.15
N ALA B 8 10.49 -24.95 15.49
CA ALA B 8 10.44 -23.58 15.90
C ALA B 8 9.95 -22.66 14.77
N GLY B 9 9.20 -23.24 13.84
CA GLY B 9 8.53 -22.44 12.81
C GLY B 9 7.21 -21.97 13.38
N VAL B 10 6.34 -21.40 12.55
CA VAL B 10 5.08 -20.89 13.04
C VAL B 10 4.29 -21.98 13.71
N ILE B 11 4.37 -23.21 13.23
CA ILE B 11 3.47 -24.26 13.76
C ILE B 11 3.92 -24.67 15.16
N GLY B 12 5.21 -24.93 15.30
CA GLY B 12 5.75 -25.24 16.60
C GLY B 12 5.58 -24.13 17.63
N LEU B 13 5.97 -22.90 17.26
CA LEU B 13 5.90 -21.84 18.22
C LEU B 13 4.44 -21.48 18.58
N SER B 14 3.57 -21.30 17.59
CA SER B 14 2.18 -21.02 17.91
C SER B 14 1.55 -22.14 18.75
N THR B 15 1.93 -23.38 18.50
CA THR B 15 1.35 -24.47 19.24
C THR B 15 1.85 -24.41 20.67
N ALA B 16 3.13 -24.14 20.84
CA ALA B 16 3.70 -23.99 22.15
C ALA B 16 2.97 -22.89 22.91
N LEU B 17 2.94 -21.68 22.36
CA LEU B 17 2.28 -20.54 23.01
C LEU B 17 0.81 -20.81 23.36
N CYS B 18 0.08 -21.44 22.45
CA CYS B 18 -1.35 -21.60 22.63
C CYS B 18 -1.63 -22.67 23.71
N ILE B 19 -0.77 -23.66 23.80
CA ILE B 19 -0.88 -24.65 24.87
C ILE B 19 -0.54 -24.04 26.23
N HIS B 20 0.60 -23.34 26.32
CA HIS B 20 0.98 -22.68 27.56
C HIS B 20 -0.07 -21.72 28.11
N GLU B 21 -0.62 -20.86 27.26
CA GLU B 21 -1.62 -19.88 27.72
C GLU B 21 -2.87 -20.61 28.26
N ARG B 22 -3.23 -21.71 27.65
CA ARG B 22 -4.48 -22.35 27.99
C ARG B 22 -4.34 -23.30 29.18
N TYR B 23 -3.11 -23.73 29.49
CA TYR B 23 -2.90 -24.81 30.47
C TYR B 23 -1.89 -24.59 31.58
N HIS B 24 -1.10 -23.52 31.55
CA HIS B 24 -0.14 -23.33 32.64
C HIS B 24 -0.79 -23.15 34.04
N SER B 25 -2.07 -22.80 34.13
CA SER B 25 -2.76 -22.79 35.44
C SER B 25 -2.29 -23.94 36.33
N PRO B 29 0.95 -26.91 35.48
CA PRO B 29 2.37 -26.74 35.86
C PRO B 29 3.29 -27.36 34.80
N LEU B 30 3.44 -26.60 33.71
CA LEU B 30 4.05 -27.09 32.49
C LEU B 30 5.49 -26.69 32.40
N ASP B 31 6.35 -27.70 32.22
CA ASP B 31 7.70 -27.47 31.77
C ASP B 31 7.70 -27.67 30.26
N ILE B 32 7.97 -26.60 29.52
CA ILE B 32 7.97 -26.64 28.07
C ILE B 32 9.31 -26.27 27.47
N LYS B 33 9.80 -27.14 26.61
CA LYS B 33 11.02 -26.89 25.91
C LYS B 33 10.79 -26.97 24.39
N VAL B 34 11.48 -26.11 23.66
CA VAL B 34 11.45 -26.14 22.23
C VAL B 34 12.79 -26.67 21.75
N TYR B 35 12.76 -27.77 21.00
CA TYR B 35 13.97 -28.26 20.28
C TYR B 35 13.83 -28.05 18.75
N ALA B 36 14.83 -27.44 18.16
CA ALA B 36 14.83 -27.23 16.73
C ALA B 36 16.24 -27.09 16.29
N ASP B 37 16.50 -27.49 15.05
CA ASP B 37 17.82 -27.30 14.46
C ASP B 37 17.82 -26.10 13.50
N ARG B 38 16.66 -25.46 13.32
CA ARG B 38 16.56 -24.16 12.64
C ARG B 38 15.57 -23.22 13.31
N PHE B 39 16.06 -22.01 13.61
CA PHE B 39 15.30 -20.93 14.19
C PHE B 39 15.30 -19.80 13.21
N THR B 40 14.33 -18.91 13.38
CA THR B 40 14.25 -17.70 12.54
C THR B 40 15.62 -17.04 12.51
N PRO B 41 16.02 -16.46 11.37
CA PRO B 41 15.32 -16.29 10.08
C PRO B 41 15.53 -17.44 9.07
N LEU B 42 15.83 -18.65 9.54
CA LEU B 42 16.24 -19.74 8.66
C LEU B 42 15.21 -20.88 8.54
N THR B 43 13.97 -20.64 8.94
CA THR B 43 12.93 -21.62 8.77
C THR B 43 12.15 -21.34 7.50
N THR B 44 11.30 -22.27 7.13
CA THR B 44 10.49 -22.13 5.94
C THR B 44 9.51 -21.00 6.17
N THR B 45 9.04 -20.90 7.42
CA THR B 45 8.10 -19.85 7.82
C THR B 45 8.66 -18.43 7.46
N ASP B 46 9.96 -18.25 7.60
CA ASP B 46 10.63 -16.98 7.33
C ASP B 46 10.57 -16.60 5.85
N VAL B 47 10.40 -17.60 4.98
CA VAL B 47 10.33 -17.38 3.55
C VAL B 47 8.91 -16.91 3.14
N ALA B 48 7.87 -17.28 3.88
CA ALA B 48 6.51 -16.96 3.48
C ALA B 48 6.22 -15.45 3.57
N ALA B 49 5.47 -14.92 2.62
CA ALA B 49 5.07 -13.48 2.69
C ALA B 49 4.07 -13.26 3.79
N GLY B 50 3.26 -14.26 4.03
CA GLY B 50 2.32 -14.25 5.14
C GLY B 50 0.94 -13.78 4.76
N LEU B 51 0.58 -13.91 3.49
CA LEU B 51 -0.75 -13.44 3.10
C LEU B 51 -1.76 -14.49 3.51
N TRP B 52 -2.81 -14.06 4.18
CA TRP B 52 -3.93 -14.93 4.48
C TRP B 52 -4.71 -15.15 3.19
N GLN B 53 -4.61 -16.38 2.66
CA GLN B 53 -5.54 -16.88 1.65
C GLN B 53 -5.36 -18.39 1.58
N PRO B 54 -6.42 -19.13 1.89
CA PRO B 54 -6.39 -20.56 1.66
C PRO B 54 -6.26 -20.83 0.19
N TYR B 55 -5.96 -22.07 -0.12
CA TYR B 55 -6.00 -22.54 -1.51
C TYR B 55 -7.41 -22.47 -2.16
N LEU B 56 -7.46 -22.46 -3.50
CA LEU B 56 -8.74 -22.50 -4.22
C LEU B 56 -9.50 -23.83 -4.02
N SER B 57 -8.80 -24.97 -4.08
CA SER B 57 -9.37 -26.28 -3.74
C SER B 57 -10.00 -26.20 -2.34
N ASP B 58 -11.13 -26.87 -2.12
CA ASP B 58 -12.06 -26.52 -1.01
C ASP B 58 -11.62 -26.92 0.43
N PRO B 62 -11.40 -30.11 5.42
CA PRO B 62 -12.77 -30.22 5.95
C PRO B 62 -12.98 -29.28 7.16
N GLN B 63 -12.53 -29.69 8.36
CA GLN B 63 -12.37 -28.77 9.49
C GLN B 63 -11.29 -27.67 9.20
N GLU B 64 -10.49 -27.87 8.16
CA GLU B 64 -9.43 -26.90 7.78
C GLU B 64 -9.94 -25.51 7.40
N ALA B 65 -11.15 -25.42 6.83
CA ALA B 65 -11.74 -24.12 6.54
C ALA B 65 -12.05 -23.34 7.81
N ASP B 66 -12.51 -24.01 8.86
CA ASP B 66 -12.73 -23.36 10.15
C ASP B 66 -11.44 -22.95 10.86
N TRP B 67 -10.40 -23.79 10.77
CA TRP B 67 -9.11 -23.44 11.35
C TRP B 67 -8.59 -22.19 10.65
N SER B 68 -8.82 -22.10 9.34
CA SER B 68 -8.45 -20.90 8.58
C SER B 68 -9.26 -19.68 8.99
N GLN B 69 -10.58 -19.84 9.00
CA GLN B 69 -11.43 -18.75 9.41
C GLN B 69 -11.13 -18.27 10.83
N GLN B 70 -10.94 -19.21 11.76
CA GLN B 70 -10.54 -18.90 13.16
C GLN B 70 -9.29 -18.05 13.17
N THR B 71 -8.34 -18.42 12.34
CA THR B 71 -7.08 -17.69 12.23
C THR B 71 -7.31 -16.24 11.77
N PHE B 72 -8.12 -16.08 10.73
CA PHE B 72 -8.38 -14.75 10.16
C PHE B 72 -9.04 -13.87 11.18
N ASP B 73 -10.13 -14.36 11.75
CA ASP B 73 -10.84 -13.65 12.80
C ASP B 73 -9.95 -13.30 14.00
N TYR B 74 -9.10 -14.24 14.39
CA TYR B 74 -8.18 -13.97 15.49
C TYR B 74 -7.26 -12.82 15.06
N LEU B 75 -6.73 -12.88 13.85
CA LEU B 75 -5.76 -11.85 13.47
C LEU B 75 -6.44 -10.52 13.20
N LEU B 76 -7.56 -10.56 12.50
CA LEU B 76 -8.31 -9.36 12.25
C LEU B 76 -8.56 -8.56 13.53
N SER B 77 -8.85 -9.23 14.63
CA SER B 77 -9.18 -8.56 15.89
C SER B 77 -7.96 -7.97 16.61
N HIS B 78 -6.75 -8.23 16.11
CA HIS B 78 -5.53 -7.64 16.68
C HIS B 78 -4.85 -6.67 15.73
N VAL B 79 -5.36 -6.53 14.52
CA VAL B 79 -4.73 -5.69 13.50
C VAL B 79 -4.59 -4.20 13.90
N HIS B 80 -5.26 -3.78 14.97
CA HIS B 80 -5.09 -2.41 15.49
C HIS B 80 -4.43 -2.40 16.88
N SER B 81 -4.10 -3.58 17.38
CA SER B 81 -3.44 -3.72 18.67
C SER B 81 -2.12 -2.95 18.70
N PRO B 82 -1.60 -2.73 19.92
CA PRO B 82 -0.27 -2.14 20.11
C PRO B 82 0.85 -3.04 19.61
N ASN B 83 0.62 -4.34 19.71
CA ASN B 83 1.61 -5.33 19.28
C ASN B 83 1.71 -5.51 17.73
N ALA B 84 0.78 -4.94 16.95
CA ALA B 84 0.57 -5.37 15.53
C ALA B 84 1.81 -5.22 14.68
N GLU B 85 2.49 -4.10 14.83
CA GLU B 85 3.78 -3.86 14.21
C GLU B 85 4.80 -4.92 14.64
N ASN B 86 4.84 -5.33 15.91
CA ASN B 86 5.79 -6.37 16.28
C ASN B 86 5.42 -7.72 15.64
N LEU B 87 4.12 -8.02 15.60
CA LEU B 87 3.65 -9.27 15.00
C LEU B 87 3.93 -9.35 13.49
N GLY B 88 4.00 -8.19 12.82
CA GLY B 88 4.20 -8.10 11.38
C GLY B 88 2.85 -8.13 10.66
N LEU B 89 1.83 -7.61 11.32
CA LEU B 89 0.43 -7.82 10.99
C LEU B 89 -0.23 -6.55 10.51
N PHE B 90 -0.82 -6.58 9.31
CA PHE B 90 -1.54 -5.42 8.74
C PHE B 90 -2.51 -5.82 7.64
N LEU B 91 -3.45 -4.91 7.40
CA LEU B 91 -4.43 -5.04 6.35
C LEU B 91 -3.86 -4.78 4.98
N ILE B 92 -4.33 -5.57 4.02
CA ILE B 92 -3.93 -5.36 2.66
C ILE B 92 -5.01 -5.79 1.70
N SER B 93 -5.25 -4.98 0.70
CA SER B 93 -6.20 -5.33 -0.33
C SER B 93 -5.49 -5.78 -1.61
N GLY B 94 -6.18 -6.55 -2.44
CA GLY B 94 -5.65 -6.79 -3.76
C GLY B 94 -6.43 -7.71 -4.68
N TYR B 95 -5.72 -8.21 -5.68
CA TYR B 95 -6.30 -8.77 -6.85
C TYR B 95 -6.02 -10.30 -6.96
N ASN B 96 -7.04 -11.06 -7.41
CA ASN B 96 -6.82 -12.44 -7.85
C ASN B 96 -7.20 -12.53 -9.30
N LEU B 97 -6.25 -12.89 -10.16
CA LEU B 97 -6.45 -12.86 -11.62
C LEU B 97 -6.43 -14.26 -12.22
N PHE B 98 -7.39 -14.49 -13.12
CA PHE B 98 -7.69 -15.81 -13.73
C PHE B 98 -7.92 -15.60 -15.21
N HIS B 99 -7.75 -16.65 -16.00
CA HIS B 99 -7.99 -16.58 -17.44
C HIS B 99 -9.48 -16.63 -17.76
N GLU B 100 -10.21 -17.56 -17.15
CA GLU B 100 -11.68 -17.62 -17.28
C GLU B 100 -12.41 -17.62 -15.92
N ALA B 101 -13.73 -17.48 -15.98
CA ALA B 101 -14.59 -17.59 -14.79
C ALA B 101 -14.31 -18.86 -13.97
N ILE B 102 -14.46 -18.73 -12.66
CA ILE B 102 -14.26 -19.79 -11.66
C ILE B 102 -15.29 -19.47 -10.57
N PRO B 103 -15.69 -20.46 -9.76
CA PRO B 103 -16.59 -20.09 -8.65
C PRO B 103 -15.93 -19.33 -7.46
N ASP B 104 -16.71 -18.46 -6.82
CA ASP B 104 -16.30 -17.77 -5.63
C ASP B 104 -15.75 -18.80 -4.63
N PRO B 105 -14.68 -18.44 -3.89
CA PRO B 105 -14.10 -19.42 -2.96
C PRO B 105 -14.94 -19.56 -1.70
N SER B 106 -14.70 -20.62 -0.95
CA SER B 106 -15.47 -20.85 0.27
C SER B 106 -15.22 -19.77 1.33
N TRP B 107 -14.08 -19.08 1.20
CA TRP B 107 -13.65 -18.10 2.21
C TRP B 107 -14.02 -16.65 1.89
N LYS B 108 -14.96 -16.44 0.97
CA LYS B 108 -15.30 -15.10 0.47
C LYS B 108 -15.97 -14.13 1.47
N ASP B 109 -16.68 -14.69 2.44
CA ASP B 109 -17.30 -13.86 3.46
C ASP B 109 -16.43 -13.81 4.70
N THR B 110 -15.35 -14.58 4.71
CA THR B 110 -14.35 -14.46 5.77
C THR B 110 -13.55 -13.15 5.64
N VAL B 111 -12.96 -12.93 4.47
CA VAL B 111 -12.36 -11.68 4.16
C VAL B 111 -13.39 -10.55 4.06
N LEU B 112 -12.81 -9.36 3.94
CA LEU B 112 -13.53 -8.10 3.86
C LEU B 112 -13.71 -7.60 2.41
N GLY B 113 -14.96 -7.29 2.10
CA GLY B 113 -15.34 -6.67 0.83
C GLY B 113 -14.99 -7.46 -0.42
N PHE B 114 -15.24 -8.76 -0.38
CA PHE B 114 -15.07 -9.59 -1.56
C PHE B 114 -15.99 -9.12 -2.68
N ARG B 115 -15.45 -9.01 -3.89
CA ARG B 115 -16.30 -8.75 -5.06
C ARG B 115 -15.59 -9.26 -6.29
N LYS B 116 -16.29 -9.28 -7.40
CA LYS B 116 -15.66 -9.50 -8.69
C LYS B 116 -14.95 -8.20 -9.17
N LEU B 117 -13.92 -8.37 -9.98
CA LEU B 117 -13.30 -7.27 -10.70
C LEU B 117 -14.25 -6.72 -11.76
N THR B 118 -14.25 -5.40 -11.91
CA THR B 118 -15.05 -4.69 -12.92
C THR B 118 -14.24 -4.66 -14.20
N PRO B 119 -14.90 -4.53 -15.34
CA PRO B 119 -14.18 -4.47 -16.62
C PRO B 119 -12.99 -3.50 -16.66
N ARG B 120 -13.14 -2.30 -16.05
CA ARG B 120 -12.08 -1.30 -16.07
C ARG B 120 -10.85 -1.73 -15.27
N GLU B 121 -11.06 -2.44 -14.18
CA GLU B 121 -9.97 -3.05 -13.46
C GLU B 121 -9.24 -4.10 -14.34
N LEU B 122 -10.02 -4.95 -15.00
CA LEU B 122 -9.46 -6.02 -15.81
C LEU B 122 -8.66 -5.43 -16.99
N ASP B 123 -9.07 -4.27 -17.51
CA ASP B 123 -8.26 -3.56 -18.56
C ASP B 123 -6.84 -3.26 -18.16
N MET B 124 -6.53 -3.20 -16.86
CA MET B 124 -5.15 -2.99 -16.40
C MET B 124 -4.27 -4.25 -16.57
N PHE B 125 -4.88 -5.39 -16.88
CA PHE B 125 -4.17 -6.68 -16.97
C PHE B 125 -4.52 -7.44 -18.26
N PRO B 126 -3.81 -7.15 -19.35
CA PRO B 126 -4.16 -7.75 -20.64
C PRO B 126 -4.22 -9.29 -20.65
N ASP B 127 -3.44 -9.98 -19.83
CA ASP B 127 -3.39 -11.44 -19.89
C ASP B 127 -4.60 -12.18 -19.24
N TYR B 128 -5.47 -11.44 -18.56
CA TYR B 128 -6.48 -12.06 -17.71
C TYR B 128 -7.86 -11.46 -17.98
N GLY B 129 -8.89 -12.28 -18.09
CA GLY B 129 -10.28 -11.79 -18.28
C GLY B 129 -11.23 -11.89 -17.08
N TYR B 130 -10.76 -12.36 -15.94
CA TYR B 130 -11.66 -12.53 -14.79
C TYR B 130 -10.94 -12.38 -13.46
N GLY B 131 -11.67 -12.06 -12.40
CA GLY B 131 -11.12 -12.16 -11.08
C GLY B 131 -11.80 -11.43 -9.95
N TRP B 132 -11.02 -11.34 -8.87
CA TRP B 132 -11.52 -10.91 -7.59
C TRP B 132 -10.74 -9.73 -7.07
N PHE B 133 -11.38 -8.99 -6.18
CA PHE B 133 -10.76 -7.99 -5.34
C PHE B 133 -11.32 -8.23 -3.96
N HIS B 134 -10.49 -8.09 -2.95
CA HIS B 134 -10.93 -8.19 -1.59
C HIS B 134 -9.85 -7.65 -0.68
N THR B 135 -10.21 -7.50 0.59
CA THR B 135 -9.31 -7.05 1.59
C THR B 135 -9.02 -8.18 2.55
N SER B 136 -7.73 -8.50 2.67
CA SER B 136 -7.29 -9.52 3.60
C SER B 136 -6.21 -8.95 4.49
N LEU B 137 -5.31 -9.81 4.97
CA LEU B 137 -4.22 -9.39 5.88
C LEU B 137 -2.90 -10.15 5.66
N ILE B 138 -1.83 -9.59 6.17
CA ILE B 138 -0.52 -10.18 6.06
C ILE B 138 -0.04 -10.35 7.48
N LEU B 139 0.61 -11.47 7.74
CA LEU B 139 1.29 -11.70 8.98
C LEU B 139 2.65 -12.18 8.59
N GLU B 140 3.63 -11.30 8.70
CA GLU B 140 4.98 -11.55 8.21
C GLU B 140 5.75 -12.51 9.12
N GLY B 141 6.14 -13.63 8.54
CA GLY B 141 6.72 -14.74 9.25
C GLY B 141 7.91 -14.40 10.10
N LYS B 142 8.87 -13.64 9.55
CA LYS B 142 10.07 -13.25 10.31
C LYS B 142 9.60 -12.62 11.61
N ASN B 143 8.84 -11.54 11.49
CA ASN B 143 8.36 -10.77 12.64
C ASN B 143 7.51 -11.60 13.60
N TYR B 144 6.58 -12.35 13.04
CA TYR B 144 5.69 -13.14 13.88
C TYR B 144 6.46 -14.14 14.72
N LEU B 145 7.45 -14.78 14.12
CA LEU B 145 8.33 -15.70 14.88
C LEU B 145 9.17 -15.03 15.96
N GLN B 146 9.74 -13.87 15.65
CA GLN B 146 10.43 -13.06 16.66
C GLN B 146 9.51 -12.79 17.82
N TRP B 147 8.27 -12.39 17.52
CA TRP B 147 7.27 -12.07 18.53
C TRP B 147 6.90 -13.25 19.46
N LEU B 148 6.58 -14.37 18.84
CA LEU B 148 6.26 -15.60 19.55
C LEU B 148 7.45 -16.06 20.41
N THR B 149 8.63 -15.96 19.86
CA THR B 149 9.81 -16.34 20.62
C THR B 149 9.86 -15.44 21.84
N GLU B 150 9.67 -14.15 21.64
CA GLU B 150 9.71 -13.27 22.77
C GLU B 150 8.61 -13.64 23.76
N ARG B 151 7.40 -13.90 23.28
CA ARG B 151 6.32 -14.19 24.23
C ARG B 151 6.62 -15.45 24.99
N LEU B 152 7.12 -16.47 24.28
CA LEU B 152 7.41 -17.77 24.88
C LEU B 152 8.49 -17.67 25.93
N THR B 153 9.50 -16.86 25.64
CA THR B 153 10.61 -16.63 26.55
C THR B 153 10.14 -15.94 27.85
N GLU B 154 9.24 -14.98 27.75
CA GLU B 154 8.66 -14.39 28.98
C GLU B 154 8.05 -15.50 29.82
N ARG B 155 7.42 -16.47 29.16
CA ARG B 155 6.62 -17.44 29.89
C ARG B 155 7.40 -18.63 30.43
N GLY B 156 8.72 -18.64 30.26
CA GLY B 156 9.56 -19.70 30.79
C GLY B 156 9.97 -20.76 29.77
N VAL B 157 9.41 -20.73 28.57
CA VAL B 157 9.76 -21.75 27.61
C VAL B 157 11.24 -21.63 27.23
N LYS B 158 11.96 -22.74 27.30
CA LYS B 158 13.40 -22.72 27.06
C LYS B 158 13.64 -23.34 25.68
N PHE B 159 14.64 -22.81 24.98
CA PHE B 159 14.90 -23.14 23.60
C PHE B 159 16.28 -23.77 23.45
N PHE B 160 16.41 -24.74 22.54
CA PHE B 160 17.67 -25.46 22.33
C PHE B 160 17.92 -25.81 20.87
N GLN B 161 19.10 -25.42 20.41
CA GLN B 161 19.63 -25.84 19.14
C GLN B 161 19.91 -27.35 19.21
N ARG B 162 19.00 -28.12 18.65
CA ARG B 162 19.14 -29.54 18.72
C ARG B 162 18.51 -30.21 17.51
N LYS B 163 19.25 -31.09 16.84
CA LYS B 163 18.63 -31.97 15.83
C LYS B 163 18.23 -33.28 16.49
N VAL B 164 16.93 -33.45 16.67
CA VAL B 164 16.38 -34.63 17.33
C VAL B 164 16.52 -35.81 16.42
N GLU B 165 17.00 -36.95 16.95
CA GLU B 165 17.24 -38.15 16.11
C GLU B 165 16.01 -39.08 16.11
N SER B 166 15.24 -39.09 17.21
CA SER B 166 14.00 -39.88 17.30
C SER B 166 13.07 -39.37 18.40
N PHE B 167 11.83 -39.85 18.38
CA PHE B 167 10.91 -39.65 19.49
C PHE B 167 11.37 -40.35 20.78
N GLU B 168 11.79 -41.62 20.69
CA GLU B 168 12.25 -42.36 21.89
C GLU B 168 13.37 -41.64 22.62
N GLU B 169 14.32 -41.13 21.85
CA GLU B 169 15.42 -40.34 22.41
C GLU B 169 14.80 -39.32 23.37
N VAL B 170 13.77 -38.62 22.92
CA VAL B 170 13.17 -37.51 23.70
C VAL B 170 12.33 -38.02 24.88
N ALA B 171 11.55 -39.04 24.64
CA ALA B 171 10.84 -39.78 25.68
C ALA B 171 11.80 -40.23 26.79
N ARG B 172 12.95 -40.77 26.43
CA ARG B 172 13.87 -41.32 27.43
C ARG B 172 14.49 -40.23 28.27
N GLU B 173 14.43 -39.01 27.78
CA GLU B 173 14.81 -37.84 28.58
C GLU B 173 13.66 -37.33 29.44
N GLY B 174 12.53 -38.01 29.42
CA GLY B 174 11.47 -37.76 30.36
C GLY B 174 10.39 -36.83 29.85
N ALA B 175 10.32 -36.64 28.53
CA ALA B 175 9.23 -35.88 27.95
C ALA B 175 7.94 -36.63 28.17
N ASP B 176 6.97 -36.01 28.82
CA ASP B 176 5.66 -36.64 29.00
C ASP B 176 4.83 -36.45 27.73
N VAL B 177 4.95 -35.30 27.07
CA VAL B 177 4.31 -35.11 25.77
C VAL B 177 5.26 -34.48 24.75
N ILE B 178 5.28 -35.05 23.54
CA ILE B 178 6.06 -34.53 22.45
C ILE B 178 5.11 -33.98 21.42
N VAL B 179 5.27 -32.69 21.11
CA VAL B 179 4.47 -32.00 20.09
C VAL B 179 5.37 -31.86 18.87
N ASN B 180 5.00 -32.60 17.83
CA ASN B 180 5.82 -32.76 16.66
C ASN B 180 5.40 -31.75 15.57
N CYS B 181 6.10 -30.65 15.49
CA CYS B 181 5.82 -29.58 14.56
C CYS B 181 7.01 -29.38 13.64
N THR B 182 7.33 -30.44 12.92
CA THR B 182 8.57 -30.51 12.17
C THR B 182 8.41 -30.23 10.70
N GLY B 183 7.30 -29.61 10.29
CA GLY B 183 7.15 -29.17 8.93
C GLY B 183 7.48 -30.31 7.97
N VAL B 184 8.30 -30.03 6.96
CA VAL B 184 8.47 -30.95 5.82
C VAL B 184 9.38 -32.13 6.14
N TRP B 185 10.09 -32.04 7.26
CA TRP B 185 11.04 -33.07 7.66
C TRP B 185 10.44 -34.11 8.63
N ALA B 186 9.13 -34.08 8.85
CA ALA B 186 8.52 -35.02 9.82
C ALA B 186 8.78 -36.48 9.51
N GLY B 187 9.00 -36.78 8.23
CA GLY B 187 9.28 -38.12 7.74
C GLY B 187 10.59 -38.69 8.25
N ALA B 188 11.55 -37.83 8.58
CA ALA B 188 12.84 -38.32 9.08
C ALA B 188 12.72 -38.80 10.52
N LEU B 189 11.55 -38.61 11.14
CA LEU B 189 11.27 -39.09 12.49
C LEU B 189 10.26 -40.23 12.47
N GLN B 190 9.33 -40.17 11.54
CA GLN B 190 8.43 -41.27 11.34
C GLN B 190 8.05 -41.23 9.88
N ARG B 191 8.31 -42.35 9.21
CA ARG B 191 7.98 -42.52 7.83
C ARG B 191 6.58 -41.92 7.57
N ASP B 192 6.49 -41.06 6.56
CA ASP B 192 5.18 -40.58 6.08
C ASP B 192 5.27 -40.43 4.56
N PRO B 193 4.69 -41.40 3.82
CA PRO B 193 4.78 -41.35 2.36
C PRO B 193 3.98 -40.21 1.77
N LEU B 194 2.98 -39.75 2.49
CA LEU B 194 2.08 -38.70 2.01
C LEU B 194 2.64 -37.27 2.17
N LEU B 195 3.85 -37.13 2.72
CA LEU B 195 4.45 -35.82 3.00
C LEU B 195 5.52 -35.60 1.97
N GLN B 196 5.39 -34.55 1.17
CA GLN B 196 6.37 -34.21 0.17
C GLN B 196 6.77 -32.73 0.27
N PRO B 197 7.95 -32.40 -0.24
CA PRO B 197 8.30 -30.99 -0.37
C PRO B 197 7.61 -30.32 -1.56
N GLY B 198 6.96 -29.20 -1.31
CA GLY B 198 6.49 -28.28 -2.37
C GLY B 198 7.49 -27.11 -2.44
N ARG B 199 8.59 -27.31 -3.17
CA ARG B 199 9.64 -26.32 -3.22
C ARG B 199 9.11 -25.00 -3.80
N GLY B 200 9.49 -23.90 -3.16
CA GLY B 200 9.20 -22.57 -3.61
C GLY B 200 10.44 -21.70 -3.54
N GLN B 201 10.50 -20.71 -4.43
CA GLN B 201 11.55 -19.73 -4.45
C GLN B 201 10.91 -18.33 -4.51
N ILE B 202 11.52 -17.37 -3.85
CA ILE B 202 11.03 -16.01 -3.94
C ILE B 202 12.18 -15.06 -4.01
N MET B 203 11.89 -13.83 -4.39
CA MET B 203 12.85 -12.76 -4.18
C MET B 203 12.15 -11.61 -3.50
N LYS B 204 12.92 -10.75 -2.87
CA LYS B 204 12.39 -9.58 -2.19
C LYS B 204 13.00 -8.37 -2.86
N VAL B 205 12.17 -7.39 -3.19
CA VAL B 205 12.62 -6.18 -3.87
C VAL B 205 12.20 -4.96 -3.07
N ASP B 206 12.87 -3.85 -3.33
CA ASP B 206 12.53 -2.59 -2.72
C ASP B 206 11.52 -1.93 -3.67
N ALA B 207 10.23 -1.99 -3.35
CA ALA B 207 9.22 -1.47 -4.27
C ALA B 207 8.05 -0.93 -3.48
N PRO B 208 8.31 0.07 -2.63
CA PRO B 208 7.34 0.46 -1.57
C PRO B 208 6.14 1.28 -2.06
N TRP B 209 6.09 1.58 -3.35
CA TRP B 209 4.89 2.12 -3.97
C TRP B 209 3.83 1.06 -4.29
N MET B 210 4.19 -0.22 -4.18
CA MET B 210 3.24 -1.28 -4.40
C MET B 210 2.39 -1.47 -3.15
N LYS B 211 1.10 -1.11 -3.22
CA LYS B 211 0.22 -1.16 -2.06
C LYS B 211 -0.80 -2.30 -2.08
N HIS B 212 -0.81 -3.10 -3.13
CA HIS B 212 -1.79 -4.18 -3.31
C HIS B 212 -1.07 -5.49 -3.54
N PHE B 213 -1.63 -6.59 -3.09
CA PHE B 213 -1.18 -7.84 -3.66
C PHE B 213 -1.77 -8.07 -5.02
N ILE B 214 -1.04 -8.87 -5.80
CA ILE B 214 -1.53 -9.42 -7.05
C ILE B 214 -1.13 -10.90 -7.20
N LEU B 215 -2.13 -11.77 -7.12
CA LEU B 215 -2.02 -13.19 -7.29
C LEU B 215 -2.63 -13.60 -8.62
N THR B 216 -1.87 -14.28 -9.49
CA THR B 216 -2.40 -14.92 -10.71
C THR B 216 -2.51 -16.45 -10.59
N HIS B 217 -3.37 -17.02 -11.44
CA HIS B 217 -3.64 -18.43 -11.45
C HIS B 217 -3.62 -18.96 -12.86
N ASP B 218 -2.98 -20.10 -13.02
CA ASP B 218 -2.98 -20.88 -14.25
C ASP B 218 -3.45 -22.29 -13.82
N PRO B 219 -4.68 -22.71 -14.21
CA PRO B 219 -5.15 -24.06 -13.87
C PRO B 219 -4.45 -25.13 -14.72
N GLY B 222 -0.21 -24.61 -15.54
CA GLY B 222 0.64 -24.95 -14.40
C GLY B 222 -0.25 -25.42 -13.26
N ILE B 223 0.30 -25.48 -12.05
CA ILE B 223 -0.50 -25.72 -10.84
C ILE B 223 -0.48 -24.44 -10.04
N TYR B 224 0.71 -24.06 -9.58
CA TYR B 224 0.92 -22.82 -8.83
C TYR B 224 2.29 -22.21 -9.17
N ASN B 225 2.72 -22.40 -10.40
CA ASN B 225 3.84 -21.63 -10.88
C ASN B 225 3.24 -20.55 -11.69
N SER B 226 2.83 -19.52 -10.98
CA SER B 226 2.23 -18.37 -11.60
C SER B 226 2.62 -17.17 -10.79
N PRO B 227 2.85 -16.04 -11.45
CA PRO B 227 3.42 -14.95 -10.71
C PRO B 227 2.53 -14.37 -9.61
N TYR B 228 3.16 -14.00 -8.51
CA TYR B 228 2.46 -13.27 -7.49
C TYR B 228 3.35 -12.19 -6.96
N ILE B 229 2.74 -11.08 -6.58
CA ILE B 229 3.42 -9.93 -6.03
C ILE B 229 2.72 -9.63 -4.69
N ILE B 230 3.48 -9.64 -3.59
CA ILE B 230 2.91 -9.44 -2.27
C ILE B 230 3.72 -8.44 -1.42
N PRO B 231 3.26 -7.20 -1.33
CA PRO B 231 3.95 -6.22 -0.48
C PRO B 231 4.05 -6.64 0.97
N GLY B 232 5.21 -6.50 1.57
CA GLY B 232 5.37 -6.61 3.01
C GLY B 232 5.53 -5.23 3.64
N THR B 233 5.91 -5.23 4.91
CA THR B 233 6.21 -4.04 5.66
C THR B 233 7.34 -3.21 5.04
N GLN B 234 8.44 -3.88 4.76
CA GLN B 234 9.68 -3.25 4.31
C GLN B 234 9.96 -3.48 2.80
N THR B 235 9.59 -4.66 2.32
CA THR B 235 9.95 -5.16 1.01
C THR B 235 8.72 -5.78 0.35
N VAL B 236 8.86 -6.18 -0.89
CA VAL B 236 7.80 -6.76 -1.66
C VAL B 236 8.26 -8.12 -2.08
N THR B 237 7.41 -9.11 -1.92
CA THR B 237 7.77 -10.45 -2.25
C THR B 237 7.30 -10.74 -3.65
N LEU B 238 8.22 -11.23 -4.48
CA LEU B 238 7.87 -11.71 -5.82
C LEU B 238 8.00 -13.20 -5.84
N GLY B 239 6.97 -13.84 -6.36
CA GLY B 239 7.05 -15.28 -6.47
C GLY B 239 6.23 -15.95 -7.53
N GLY B 240 6.06 -17.26 -7.34
CA GLY B 240 5.28 -18.10 -8.22
C GLY B 240 6.00 -19.37 -8.61
N ILE B 241 6.55 -20.07 -7.62
CA ILE B 241 7.24 -21.34 -7.82
C ILE B 241 6.72 -22.37 -6.83
N PHE B 242 6.20 -23.45 -7.39
CA PHE B 242 5.71 -24.61 -6.67
C PHE B 242 6.21 -25.85 -7.42
N GLN B 243 7.18 -26.56 -6.84
CA GLN B 243 7.72 -27.78 -7.45
C GLN B 243 7.60 -28.92 -6.45
N LEU B 244 6.58 -29.76 -6.63
CA LEU B 244 6.40 -30.89 -5.71
C LEU B 244 7.47 -31.96 -5.90
N GLY B 245 8.10 -32.37 -4.80
CA GLY B 245 9.12 -33.42 -4.81
C GLY B 245 10.53 -32.93 -4.89
N ASN B 246 10.74 -31.64 -5.11
CA ASN B 246 12.11 -31.10 -5.23
C ASN B 246 12.72 -30.69 -3.88
N TRP B 247 13.88 -31.26 -3.57
CA TRP B 247 14.52 -31.10 -2.26
C TRP B 247 15.73 -30.17 -2.32
N SER B 248 15.95 -29.50 -3.45
CA SER B 248 17.08 -28.59 -3.54
C SER B 248 16.87 -27.32 -2.69
N GLU B 249 17.74 -27.10 -1.72
CA GLU B 249 17.65 -25.98 -0.78
C GLU B 249 18.11 -24.67 -1.39
N LEU B 250 18.76 -24.75 -2.55
CA LEU B 250 19.42 -23.60 -3.14
C LEU B 250 18.55 -22.84 -4.13
N ASN B 251 18.76 -21.53 -4.21
CA ASN B 251 18.20 -20.73 -5.31
C ASN B 251 18.84 -21.18 -6.64
N ASN B 252 18.10 -20.89 -7.70
CA ASN B 252 18.21 -21.53 -9.00
C ASN B 252 17.94 -20.43 -10.04
N ILE B 253 18.71 -20.37 -11.11
CA ILE B 253 18.64 -19.26 -12.03
C ILE B 253 17.37 -19.33 -12.85
N GLN B 254 17.00 -20.53 -13.30
CA GLN B 254 15.79 -20.70 -14.08
C GLN B 254 14.59 -20.10 -13.30
N ASP B 255 14.48 -20.45 -12.03
CA ASP B 255 13.38 -20.02 -11.19
C ASP B 255 13.40 -18.46 -10.97
N HIS B 256 14.58 -17.91 -10.67
CA HIS B 256 14.80 -16.47 -10.61
C HIS B 256 14.27 -15.78 -11.89
N ASN B 257 14.59 -16.32 -13.06
CA ASN B 257 14.10 -15.72 -14.28
C ASN B 257 12.57 -15.82 -14.44
N THR B 258 11.97 -16.93 -14.02
CA THR B 258 10.54 -17.10 -14.08
C THR B 258 9.82 -16.09 -13.17
N ILE B 259 10.29 -15.94 -11.94
CA ILE B 259 9.72 -14.98 -10.97
C ILE B 259 9.78 -13.54 -11.52
N TRP B 260 10.98 -13.13 -11.88
CA TRP B 260 11.29 -11.80 -12.33
C TRP B 260 10.55 -11.46 -13.65
N GLU B 261 10.65 -12.34 -14.66
CA GLU B 261 9.99 -12.05 -15.93
C GLU B 261 8.50 -12.02 -15.68
N GLY B 262 7.97 -13.08 -15.09
CA GLY B 262 6.53 -13.14 -14.86
C GLY B 262 5.97 -11.94 -14.08
N CYS B 263 6.67 -11.50 -13.03
CA CYS B 263 6.20 -10.35 -12.27
C CYS B 263 6.38 -9.00 -12.99
N CYS B 264 7.52 -8.77 -13.65
CA CYS B 264 7.69 -7.53 -14.43
C CYS B 264 6.67 -7.41 -15.56
N ARG B 265 6.28 -8.54 -16.15
CA ARG B 265 5.21 -8.57 -17.14
C ARG B 265 3.89 -8.08 -16.51
N LEU B 266 3.64 -8.61 -15.33
CA LEU B 266 2.43 -8.30 -14.58
C LEU B 266 2.43 -6.87 -14.06
N GLU B 267 3.61 -6.40 -13.65
CA GLU B 267 3.78 -5.05 -13.09
C GLU B 267 5.10 -4.43 -13.55
N PRO B 268 5.05 -3.71 -14.67
CA PRO B 268 6.29 -3.24 -15.28
C PRO B 268 7.02 -2.20 -14.52
N THR B 269 6.39 -1.58 -13.53
CA THR B 269 7.07 -0.66 -12.60
C THR B 269 8.18 -1.39 -11.85
N LEU B 270 8.09 -2.73 -11.75
CA LEU B 270 9.13 -3.53 -11.05
C LEU B 270 10.48 -3.53 -11.70
N LYS B 271 10.55 -3.20 -12.99
CA LYS B 271 11.87 -3.00 -13.65
C LYS B 271 12.79 -2.10 -12.81
N ASN B 272 12.22 -1.08 -12.18
CA ASN B 272 13.00 -0.13 -11.39
C ASN B 272 13.55 -0.74 -10.07
N ALA B 273 12.86 -1.74 -9.55
CA ALA B 273 13.07 -2.14 -8.16
C ALA B 273 14.35 -2.94 -7.92
N ARG B 274 15.06 -2.57 -6.87
CA ARG B 274 16.25 -3.23 -6.46
C ARG B 274 15.93 -4.55 -5.74
N ILE B 275 16.69 -5.58 -6.09
CA ILE B 275 16.56 -6.87 -5.47
C ILE B 275 17.35 -6.80 -4.18
N ILE B 276 16.68 -7.09 -3.08
CA ILE B 276 17.28 -7.10 -1.76
C ILE B 276 17.79 -8.50 -1.46
N GLY B 277 17.11 -9.50 -1.97
CA GLY B 277 17.39 -10.87 -1.61
C GLY B 277 16.52 -11.90 -2.32
N GLU B 278 16.82 -13.15 -2.03
CA GLU B 278 16.32 -14.27 -2.78
C GLU B 278 16.40 -15.48 -1.88
N ARG B 279 15.28 -16.17 -1.64
CA ARG B 279 15.24 -17.33 -0.73
C ARG B 279 14.51 -18.55 -1.33
N THR B 280 14.77 -19.71 -0.74
CA THR B 280 14.14 -20.99 -1.10
C THR B 280 13.64 -21.68 0.15
N GLY B 281 12.53 -22.35 0.05
CA GLY B 281 12.00 -23.11 1.16
C GLY B 281 11.05 -24.19 0.66
N PHE B 282 10.59 -25.02 1.58
CA PHE B 282 9.83 -26.19 1.27
C PHE B 282 8.50 -26.19 1.96
N ARG B 283 7.42 -26.10 1.21
CA ARG B 283 6.09 -26.21 1.79
C ARG B 283 5.87 -27.69 2.19
N PRO B 284 5.32 -27.91 3.38
CA PRO B 284 5.01 -29.28 3.80
C PRO B 284 3.68 -29.81 3.21
N VAL B 285 3.77 -30.25 1.98
CA VAL B 285 2.59 -30.71 1.26
C VAL B 285 2.14 -32.12 1.62
N ARG B 286 0.84 -32.23 1.79
CA ARG B 286 0.21 -33.41 2.27
C ARG B 286 -1.25 -33.31 1.79
N PRO B 287 -1.98 -34.44 1.62
CA PRO B 287 -3.40 -34.32 1.26
C PRO B 287 -4.19 -33.53 2.29
N GLN B 288 -3.71 -33.58 3.53
CA GLN B 288 -4.45 -33.20 4.71
C GLN B 288 -3.40 -32.78 5.71
N ILE B 289 -3.67 -31.76 6.51
CA ILE B 289 -2.80 -31.53 7.66
C ILE B 289 -2.89 -32.77 8.54
N ARG B 290 -1.75 -33.28 8.98
CA ARG B 290 -1.72 -34.29 10.04
C ARG B 290 -1.71 -33.60 11.42
N LEU B 291 -2.85 -33.59 12.08
CA LEU B 291 -3.05 -32.96 13.39
C LEU B 291 -3.81 -33.95 14.25
N GLU B 292 -3.09 -34.73 15.03
CA GLU B 292 -3.71 -35.80 15.80
C GLU B 292 -2.77 -36.37 16.84
N ARG B 293 -3.31 -37.25 17.68
CA ARG B 293 -2.55 -37.95 18.72
C ARG B 293 -2.05 -39.34 18.30
N GLU B 294 -0.90 -39.73 18.87
CA GLU B 294 -0.45 -41.14 18.91
C GLU B 294 0.26 -41.45 20.27
N GLN B 295 0.15 -42.70 20.76
CA GLN B 295 1.00 -43.18 21.88
C GLN B 295 2.23 -43.88 21.34
N LEU B 296 3.35 -43.73 22.02
CA LEU B 296 4.55 -44.54 21.75
C LEU B 296 4.40 -46.02 22.17
N THR B 303 4.39 -41.98 27.29
CA THR B 303 4.90 -40.97 26.34
C THR B 303 3.98 -40.72 25.13
N GLU B 304 3.30 -39.58 25.13
CA GLU B 304 2.28 -39.24 24.12
C GLU B 304 2.77 -38.21 23.09
N VAL B 305 2.51 -38.45 21.81
CA VAL B 305 2.87 -37.51 20.76
C VAL B 305 1.66 -36.83 20.15
N ILE B 306 1.73 -35.51 19.95
CA ILE B 306 0.72 -34.79 19.15
C ILE B 306 1.41 -34.35 17.87
N HIS B 307 0.93 -34.86 16.74
CA HIS B 307 1.42 -34.45 15.44
C HIS B 307 0.75 -33.15 15.00
N ASN B 308 1.54 -32.20 14.48
CA ASN B 308 1.02 -30.99 13.84
C ASN B 308 1.94 -30.57 12.71
N TYR B 309 1.71 -31.16 11.53
CA TYR B 309 2.54 -30.93 10.37
C TYR B 309 1.78 -31.24 9.07
N GLY B 310 2.33 -30.75 7.97
CA GLY B 310 1.74 -30.91 6.64
C GLY B 310 0.81 -29.76 6.25
N HIS B 311 1.18 -28.51 6.59
CA HIS B 311 0.30 -27.36 6.28
C HIS B 311 0.57 -26.69 4.94
N GLY B 312 1.29 -27.37 4.07
CA GLY B 312 1.47 -26.92 2.69
C GLY B 312 1.83 -25.44 2.58
N GLY B 313 1.25 -24.79 1.58
CA GLY B 313 1.41 -23.36 1.39
C GLY B 313 0.38 -22.50 2.12
N TYR B 314 -0.10 -22.96 3.27
CA TYR B 314 -1.04 -22.20 4.06
C TYR B 314 -0.82 -22.36 5.59
N GLY B 315 0.42 -22.55 5.98
CA GLY B 315 0.81 -22.57 7.38
C GLY B 315 0.40 -21.30 8.12
N LEU B 316 0.78 -20.14 7.61
CA LEU B 316 0.38 -18.87 8.29
C LEU B 316 -1.13 -18.63 8.28
N THR B 317 -1.75 -18.93 7.14
CA THR B 317 -3.18 -18.80 6.96
C THR B 317 -3.99 -19.60 8.03
N ILE B 318 -3.46 -20.73 8.48
CA ILE B 318 -4.24 -21.70 9.25
C ILE B 318 -3.71 -21.94 10.67
N HIS B 319 -2.56 -21.36 11.00
CA HIS B 319 -1.85 -21.75 12.19
C HIS B 319 -2.68 -21.69 13.47
N TRP B 320 -3.51 -20.68 13.64
CA TRP B 320 -4.13 -20.49 14.95
C TRP B 320 -5.19 -21.54 15.23
N GLY B 321 -6.00 -21.88 14.25
CA GLY B 321 -6.97 -22.95 14.42
C GLY B 321 -6.30 -24.28 14.71
N CYS B 322 -5.17 -24.51 14.04
CA CYS B 322 -4.40 -25.69 14.33
C CYS B 322 -3.81 -25.63 15.73
N ALA B 323 -3.26 -24.49 16.11
CA ALA B 323 -2.80 -24.28 17.47
C ALA B 323 -3.92 -24.58 18.50
N LEU B 324 -5.15 -24.10 18.25
CA LEU B 324 -6.27 -24.35 19.18
C LEU B 324 -6.67 -25.81 19.29
N GLU B 325 -6.74 -26.47 18.13
CA GLU B 325 -7.07 -27.90 18.04
C GLU B 325 -6.01 -28.73 18.71
N ALA B 326 -4.75 -28.48 18.42
CA ALA B 326 -3.71 -29.16 19.18
C ALA B 326 -3.83 -28.89 20.71
N ALA B 327 -4.22 -27.69 21.11
CA ALA B 327 -4.45 -27.41 22.53
C ALA B 327 -5.62 -28.21 23.11
N LYS B 328 -6.74 -28.33 22.39
CA LYS B 328 -7.81 -29.25 22.82
C LYS B 328 -7.22 -30.66 22.96
N LEU B 329 -6.52 -31.13 21.92
CA LEU B 329 -5.86 -32.44 22.04
C LEU B 329 -4.94 -32.56 23.28
N PHE B 330 -4.22 -31.51 23.61
CA PHE B 330 -3.38 -31.48 24.81
C PHE B 330 -4.20 -31.58 26.08
N GLY B 331 -5.36 -30.92 26.10
CA GLY B 331 -6.24 -30.93 27.24
C GLY B 331 -6.85 -32.31 27.52
N ARG B 332 -7.10 -33.08 26.46
CA ARG B 332 -7.72 -34.38 26.64
C ARG B 332 -6.70 -35.34 27.27
N ILE B 333 -5.42 -35.17 26.93
CA ILE B 333 -4.36 -36.00 27.52
C ILE B 333 -4.27 -35.72 29.01
N LEU B 334 -4.40 -34.44 29.39
CA LEU B 334 -4.38 -34.07 30.81
C LEU B 334 -5.53 -34.73 31.56
N GLU B 335 -6.76 -34.53 31.07
CA GLU B 335 -7.95 -35.16 31.61
C GLU B 335 -7.69 -36.66 31.89
N GLU B 336 -6.92 -37.31 31.01
CA GLU B 336 -6.53 -38.74 31.16
C GLU B 336 -5.37 -39.10 32.11
N LYS B 337 -4.59 -38.11 32.54
CA LYS B 337 -3.50 -38.36 33.47
C LYS B 337 -3.94 -38.15 34.93
#